data_8F0H
#
_entry.id   8F0H
#
_cell.length_a   1.00
_cell.length_b   1.00
_cell.length_c   1.00
_cell.angle_alpha   90.00
_cell.angle_beta   90.00
_cell.angle_gamma   90.00
#
_symmetry.space_group_name_H-M   'P 1'
#
loop_
_entity.id
_entity.type
_entity.pdbx_description
1 polymer 'Antibody Fab 1H2 heavy chain'
2 polymer 'Spike glycoprotein'
3 polymer 'Antibody Fab 1H2 light chain'
4 polymer 'Antibody Fab 2A10 heavy chain'
5 polymer 'Antibody Fab 2A10 light chain'
6 branched 2-acetamido-2-deoxy-beta-D-glucopyranose-(1-4)-[alpha-L-fucopyranose-(1-6)]2-acetamido-2-deoxy-beta-D-glucopyranose
#
loop_
_entity_poly.entity_id
_entity_poly.type
_entity_poly.pdbx_seq_one_letter_code
_entity_poly.pdbx_strand_id
1 'polypeptide(L)'
;QVQLQQSGGGLVQPGRSLRLSCAASGFTFDDYAMHWVRQAPGKGLEWVSGITWNSGTIGYADSVKGRFTISRDNAKNSLY
LQMRSLRAEDTALYYCAKDSGRKLLWGREDYYMGVWGKGTTVTV
;
B
2 'polypeptide(L)'
;MGVKVLFALICIAVAEAQCVNLTTRTQLPPAYTNSFTRGVYYPDKVFRSSVLHSTQDLFLPFFSNVTWFHAIHVSGTNGT
KRFDNPVLPFNDGVYFASTEKSNIIRGWIFGTTLDSKTQSLLIVNNATNVVIKVCEFQFCNDPFLGVYYHKNNKSWMESE
FRVYSSANNCTFEYVSQPFLMDLEGKQGNFKNLREFVFKNIDGYFKIYSKHTPINLVRDLPQGFSALEPLVDLPIGINIT
RFQTLLALHRSYLTPGDSSSGWTAGAAAYYVGYLQPRTFLLKYNENGTITDAVDCALDPLSETKCTLKSFTVEKGIYQTS
NFRVQPTESIVRFPNITNLCPFGEVFNATRFASVYAWNRKRISNCVADYSVLYNSASFSTFKCYGVSPTKLNDLCFTNVY
ADSFVIRGDEVRQIAPGQTGKIADYNYKLPDDFTGCVIAWNSNNLDSKVGGNYNYLYRLFRKSNLKPFERDISTEIYQAG
STPCNGVEGFNCYFPLQSYGFQPTNGVGYQPYRVVVLSFELLHAPATVCGPKKSTNLVKNKCVNFNFNGLTGTGVLTESN
KKFLPFQQFGRDIADTTDAVRDPQTLEILDITPCSFGGVSVITPGTNTSNQVAVLYQDVNCTEVPVAIHADQLTPTWRVY
STGSNVFQTRAGCLIGAEHVNNSYECDIPIGAGICASYQTQTNSPGSASSVASQSIIAYTMSLGAENSVAYSNNSIAIPT
NFTISVTTEILPVSMTKTSVDCTMYICGDSTECSNLLLQYGSFCTQLNRALTGIAVEQDKNTQEVFAQVKQIYKTPPIKD
FGGFNFSQILPDPSKPSKRSPIEDLLFNKVTLADAGFIKQYGDCLGDIAARDLICAQKFNGLTVLPPLLTDEMIAQYTSA
LLAGTITSGWTFGAGPALQIPFPMQMAYRFNGIGVTQNVLYENQKLIANQFNSAIGKIQDSLSSTPSALGKLQDVVNQNA
QALNTLVKQLSSNFGAISSVLNDILSRLDPPEAEVQIDRLITGRLQSLQTYVTQQLIRAAEIRASANLAATKMSECVLGQ
SKRVDFCGKGYHLMSFPQSAPHGVVFLHVTYVPAQEKNFTTAPAICHDGKAHFPREGVFVSNGTHWFVTQRNFYEPQIIT
TDNTFVSGNCDVVIGIVNNTVYDPLQPELDSFKEELDKYFKNHTSPDVDLGDISGINASVVNIQKEIDRLNEVAKNLNES
LIDLQELGKYEQ
;
C
3 'polypeptide(L)'
;SYELTQPPSVSVAPGKTARITCGGSNIGSKSVHWYQQKPGQAPVLVIYYDSDRPSGIPERFSGSNSGNTATLTISRVEAG
DEADYYCQVWDSSSDHVVFGG
;
D
4 'polypeptide(L)'
;QVQLVESGGGLIQPGGSLRLSCAASEFIVSSNYMSWVRQAPGKGLEWVSLLYSGGTTYYADSVKGRFTISRDNSKNTLFL
QMNSLRAEDTAMYYCARDRGPWLHDYWGQGTLVTV
;
H
5 'polypeptide(L)'
;DIVMTQSPSSLSASVGDRVTITCQASQDINKYCNWYQQKPGKAPKLLIYDASNLETGVPSRFSGSGSGTDFTFTINSLQP
EDIATYYCQQYDNLPPTFGGGTKVEIKRT
;
L
#
loop_
_chem_comp.id
_chem_comp.type
_chem_comp.name
_chem_comp.formula
FUC L-saccharide, alpha linking alpha-L-fucopyranose 'C6 H12 O5'
NAG D-saccharide, beta linking 2-acetamido-2-deoxy-beta-D-glucopyranose 'C8 H15 N O6'
#
# COMPACT_ATOMS: atom_id res chain seq x y z
N VAL A 2 23.60 21.62 -8.78
CA VAL A 2 22.29 21.01 -8.98
C VAL A 2 21.20 21.91 -8.41
N GLN A 3 20.00 21.79 -8.95
CA GLN A 3 18.86 22.60 -8.53
C GLN A 3 17.68 21.69 -8.24
N LEU A 4 16.95 22.01 -7.17
CA LEU A 4 15.77 21.24 -6.75
C LEU A 4 14.61 22.22 -6.59
N GLN A 5 13.90 22.46 -7.69
CA GLN A 5 12.76 23.36 -7.66
C GLN A 5 11.58 22.71 -6.95
N GLN A 6 10.83 23.51 -6.21
CA GLN A 6 9.67 23.03 -5.46
C GLN A 6 8.44 23.84 -5.84
N SER A 7 7.28 23.23 -5.67
CA SER A 7 6.01 23.88 -5.98
C SER A 7 4.90 23.19 -5.19
N GLY A 8 3.76 23.87 -5.12
CA GLY A 8 2.60 23.33 -4.46
C GLY A 8 2.38 23.78 -3.03
N GLY A 9 3.12 24.79 -2.56
CA GLY A 9 2.96 25.26 -1.20
C GLY A 9 1.99 26.42 -1.08
N GLY A 10 0.93 26.23 -0.29
CA GLY A 10 -0.06 27.28 -0.10
C GLY A 10 -0.89 27.02 1.13
N LEU A 11 -1.71 28.02 1.47
CA LEU A 11 -2.58 27.91 2.64
C LEU A 11 -3.65 26.86 2.38
N VAL A 12 -3.86 25.98 3.36
CA VAL A 12 -4.80 24.88 3.26
C VAL A 12 -5.68 24.87 4.49
N GLN A 13 -6.99 24.70 4.28
CA GLN A 13 -7.91 24.58 5.40
C GLN A 13 -7.61 23.30 6.19
N PRO A 14 -7.75 23.33 7.52
CA PRO A 14 -7.52 22.11 8.30
C PRO A 14 -8.45 20.98 7.87
N GLY A 15 -7.90 19.76 7.85
CA GLY A 15 -8.63 18.59 7.43
C GLY A 15 -8.63 18.31 5.95
N ARG A 16 -8.04 19.20 5.14
CA ARG A 16 -8.00 19.02 3.70
C ARG A 16 -6.72 18.28 3.31
N SER A 17 -6.42 18.24 2.02
CA SER A 17 -5.25 17.54 1.51
C SER A 17 -4.48 18.46 0.56
N LEU A 18 -3.18 18.17 0.42
CA LEU A 18 -2.32 18.95 -0.44
C LEU A 18 -1.25 18.04 -1.02
N ARG A 19 -0.71 18.44 -2.17
CA ARG A 19 0.34 17.69 -2.86
C ARG A 19 1.53 18.61 -3.09
N LEU A 20 2.72 18.13 -2.75
CA LEU A 20 3.96 18.86 -2.93
C LEU A 20 4.81 18.17 -3.97
N SER A 21 5.28 18.93 -4.96
CA SER A 21 6.14 18.40 -6.01
C SER A 21 7.52 19.04 -5.90
N CYS A 22 8.55 18.24 -6.18
CA CYS A 22 9.94 18.68 -6.11
C CYS A 22 10.66 18.26 -7.39
N ALA A 23 10.66 19.14 -8.38
CA ALA A 23 11.39 18.88 -9.62
C ALA A 23 12.89 18.90 -9.36
N ALA A 24 13.59 17.95 -9.98
CA ALA A 24 15.03 17.79 -9.79
C ALA A 24 15.75 17.91 -11.12
N SER A 25 16.97 18.45 -11.06
CA SER A 25 17.79 18.62 -12.25
C SER A 25 19.26 18.56 -11.86
N GLY A 26 20.10 18.30 -12.86
CA GLY A 26 21.54 18.24 -12.64
C GLY A 26 22.06 16.87 -12.30
N PHE A 27 21.69 16.36 -11.13
CA PHE A 27 22.16 15.06 -10.68
C PHE A 27 21.30 13.94 -11.29
N THR A 28 21.76 12.71 -11.09
CA THR A 28 20.99 11.53 -11.52
C THR A 28 19.94 11.24 -10.47
N PHE A 29 18.67 11.48 -10.82
CA PHE A 29 17.58 11.32 -9.85
C PHE A 29 17.41 9.87 -9.42
N ASP A 30 17.67 8.91 -10.32
CA ASP A 30 17.44 7.51 -10.01
C ASP A 30 18.58 6.87 -9.21
N ASP A 31 19.67 7.60 -8.96
CA ASP A 31 20.82 7.05 -8.26
C ASP A 31 21.01 7.68 -6.88
N TYR A 32 19.98 8.32 -6.33
CA TYR A 32 20.07 8.94 -5.02
C TYR A 32 18.74 8.85 -4.31
N ALA A 33 18.77 8.99 -2.99
CA ALA A 33 17.59 8.91 -2.15
C ALA A 33 17.12 10.32 -1.81
N MET A 34 15.81 10.55 -1.90
CA MET A 34 15.22 11.84 -1.62
C MET A 34 14.51 11.80 -0.27
N HIS A 35 14.52 12.95 0.41
CA HIS A 35 13.92 13.08 1.73
C HIS A 35 13.09 14.35 1.80
N TRP A 36 12.02 14.29 2.60
CA TRP A 36 11.22 15.46 2.92
C TRP A 36 11.51 15.85 4.37
N VAL A 37 11.95 17.09 4.57
CA VAL A 37 12.25 17.61 5.91
C VAL A 37 11.44 18.88 6.11
N ARG A 38 10.67 18.92 7.21
CA ARG A 38 9.85 20.06 7.55
C ARG A 38 10.44 20.77 8.76
N GLN A 39 10.31 22.10 8.76
CA GLN A 39 10.85 22.93 9.83
C GLN A 39 9.81 23.95 10.22
N ALA A 40 9.25 23.81 11.42
CA ALA A 40 8.29 24.78 11.91
C ALA A 40 8.98 26.12 12.17
N PRO A 41 8.25 27.23 12.09
CA PRO A 41 8.87 28.54 12.35
C PRO A 41 9.40 28.61 13.78
N GLY A 42 10.67 28.96 13.89
CA GLY A 42 11.34 29.01 15.18
C GLY A 42 11.46 27.65 15.87
N LYS A 43 11.69 26.60 15.09
CA LYS A 43 11.81 25.24 15.62
C LYS A 43 12.94 24.54 14.89
N GLY A 44 13.20 23.29 15.28
CA GLY A 44 14.25 22.49 14.68
C GLY A 44 13.76 21.68 13.49
N LEU A 45 14.69 20.92 12.92
CA LEU A 45 14.39 20.07 11.78
C LEU A 45 13.64 18.81 12.22
N GLU A 46 12.86 18.27 11.28
CA GLU A 46 12.11 17.04 11.53
C GLU A 46 12.05 16.25 10.24
N TRP A 47 12.31 14.95 10.33
CA TRP A 47 12.34 14.07 9.16
C TRP A 47 10.93 13.54 8.91
N VAL A 48 10.37 13.89 7.77
CA VAL A 48 9.01 13.49 7.43
C VAL A 48 9.00 12.13 6.75
N SER A 49 9.66 12.03 5.59
CA SER A 49 9.64 10.80 4.82
C SER A 49 10.92 10.71 4.00
N GLY A 50 11.10 9.57 3.34
CA GLY A 50 12.25 9.35 2.50
C GLY A 50 12.09 8.13 1.61
N ILE A 51 12.56 8.22 0.36
CA ILE A 51 12.47 7.14 -0.60
C ILE A 51 13.85 6.85 -1.15
N THR A 52 14.20 5.57 -1.24
CA THR A 52 15.50 5.15 -1.74
C THR A 52 15.51 5.20 -3.27
N TRP A 53 16.62 4.74 -3.86
CA TRP A 53 16.80 4.84 -5.30
C TRP A 53 15.79 3.98 -6.07
N ASN A 54 15.44 2.82 -5.52
CA ASN A 54 14.51 1.90 -6.19
C ASN A 54 13.07 2.10 -5.74
N SER A 55 12.68 3.33 -5.44
CA SER A 55 11.29 3.67 -5.10
C SER A 55 10.80 2.92 -3.87
N GLY A 56 11.70 2.66 -2.94
CA GLY A 56 11.34 2.02 -1.69
C GLY A 56 11.28 3.00 -0.54
N THR A 57 10.09 3.26 -0.03
CA THR A 57 9.92 4.23 1.05
C THR A 57 10.73 3.82 2.27
N ILE A 58 11.64 4.71 2.69
CA ILE A 58 12.45 4.43 3.88
C ILE A 58 11.58 4.32 5.11
N GLY A 59 10.64 5.25 5.27
CA GLY A 59 9.75 5.24 6.42
C GLY A 59 9.04 6.57 6.54
N TYR A 60 8.28 6.68 7.62
CA TYR A 60 7.55 7.89 7.93
C TYR A 60 7.76 8.25 9.40
N ALA A 61 7.60 9.53 9.71
CA ALA A 61 7.66 9.98 11.09
C ALA A 61 6.49 9.40 11.87
N ASP A 62 6.69 9.26 13.18
CA ASP A 62 5.65 8.67 14.04
C ASP A 62 4.36 9.47 13.95
N SER A 63 4.46 10.80 13.91
CA SER A 63 3.26 11.62 13.79
C SER A 63 2.58 11.41 12.43
N VAL A 64 3.27 11.73 11.35
CA VAL A 64 2.71 11.57 10.01
C VAL A 64 3.04 10.17 9.48
N LYS A 65 2.22 9.19 9.86
CA LYS A 65 2.43 7.81 9.41
C LYS A 65 1.32 7.33 8.48
N GLY A 66 0.07 7.41 8.91
CA GLY A 66 -1.05 6.93 8.13
C GLY A 66 -1.77 8.02 7.36
N ARG A 67 -1.12 9.16 7.18
CA ARG A 67 -1.75 10.29 6.51
C ARG A 67 -0.95 10.76 5.30
N PHE A 68 0.37 10.61 5.36
CA PHE A 68 1.25 11.08 4.30
C PHE A 68 1.79 9.89 3.51
N THR A 69 1.69 9.98 2.19
CA THR A 69 2.25 8.99 1.27
C THR A 69 3.23 9.68 0.34
N ILE A 70 4.42 9.14 0.22
CA ILE A 70 5.51 9.72 -0.57
C ILE A 70 5.76 8.84 -1.78
N SER A 71 5.88 9.45 -2.96
CA SER A 71 6.13 8.74 -4.19
C SER A 71 7.14 9.52 -5.03
N ARG A 72 7.82 8.81 -5.92
CA ARG A 72 8.80 9.41 -6.82
C ARG A 72 8.57 8.89 -8.23
N ASP A 73 9.02 9.68 -9.20
CA ASP A 73 8.93 9.33 -10.62
C ASP A 73 10.30 9.55 -11.24
N ASN A 74 11.08 8.48 -11.36
CA ASN A 74 12.42 8.57 -11.92
C ASN A 74 12.42 8.96 -13.39
N ALA A 75 11.31 8.75 -14.10
CA ALA A 75 11.25 9.09 -15.51
C ALA A 75 11.38 10.60 -15.73
N LYS A 76 10.71 11.40 -14.91
CA LYS A 76 10.73 12.84 -15.05
C LYS A 76 11.43 13.54 -13.90
N ASN A 77 12.11 12.80 -13.03
CA ASN A 77 12.87 13.36 -11.90
C ASN A 77 11.97 14.24 -11.02
N SER A 78 10.88 13.64 -10.55
CA SER A 78 9.89 14.35 -9.74
C SER A 78 9.66 13.60 -8.44
N LEU A 79 9.67 14.33 -7.33
CA LEU A 79 9.39 13.79 -6.01
C LEU A 79 8.08 14.37 -5.51
N TYR A 80 7.22 13.51 -4.96
CA TYR A 80 5.89 13.91 -4.53
C TYR A 80 5.67 13.53 -3.08
N LEU A 81 4.77 14.26 -2.42
CA LEU A 81 4.36 13.95 -1.05
C LEU A 81 2.89 14.29 -0.91
N GLN A 82 2.03 13.29 -1.00
CA GLN A 82 0.59 13.48 -0.94
C GLN A 82 0.18 13.68 0.51
N MET A 83 0.22 14.94 0.95
CA MET A 83 -0.25 15.27 2.29
C MET A 83 -1.76 15.13 2.36
N ARG A 84 -2.25 14.55 3.45
CA ARG A 84 -3.68 14.30 3.61
C ARG A 84 -4.08 14.50 5.06
N SER A 85 -5.28 15.07 5.26
CA SER A 85 -5.83 15.34 6.58
C SER A 85 -4.87 16.18 7.42
N LEU A 86 -4.62 17.40 6.95
CA LEU A 86 -3.67 18.29 7.60
C LEU A 86 -4.25 18.82 8.92
N ARG A 87 -3.36 19.14 9.84
CA ARG A 87 -3.71 19.71 11.13
C ARG A 87 -2.85 20.96 11.37
N ALA A 88 -3.04 21.56 12.55
CA ALA A 88 -2.28 22.77 12.87
C ALA A 88 -0.78 22.50 12.95
N GLU A 89 -0.40 21.33 13.45
CA GLU A 89 1.02 21.00 13.60
C GLU A 89 1.73 20.90 12.26
N ASP A 90 1.01 20.62 11.18
CA ASP A 90 1.65 20.45 9.88
C ASP A 90 2.18 21.77 9.32
N THR A 91 1.74 22.91 9.84
CA THR A 91 2.19 24.20 9.35
C THR A 91 3.68 24.38 9.56
N ALA A 92 4.44 24.36 8.48
CA ALA A 92 5.90 24.45 8.53
C ALA A 92 6.42 24.70 7.12
N LEU A 93 7.74 24.79 7.01
CA LEU A 93 8.42 24.93 5.73
C LEU A 93 9.02 23.58 5.36
N TYR A 94 8.67 23.07 4.18
CA TYR A 94 9.03 21.72 3.77
C TYR A 94 10.15 21.80 2.73
N TYR A 95 11.35 21.39 3.14
CA TYR A 95 12.48 21.31 2.22
C TYR A 95 12.37 20.05 1.36
N CYS A 96 13.24 19.97 0.36
CA CYS A 96 13.37 18.80 -0.49
C CYS A 96 14.86 18.47 -0.57
N ALA A 97 15.34 17.67 0.39
CA ALA A 97 16.74 17.34 0.48
C ALA A 97 17.07 16.10 -0.34
N LYS A 98 18.35 15.94 -0.64
CA LYS A 98 18.85 14.80 -1.41
C LYS A 98 19.94 14.10 -0.62
N ASP A 99 19.80 12.79 -0.46
CA ASP A 99 20.82 11.99 0.21
C ASP A 99 21.98 11.74 -0.76
N SER A 100 23.21 11.93 -0.26
CA SER A 100 24.41 11.72 -1.06
C SER A 100 25.12 10.44 -0.69
N GLY A 101 24.44 9.52 0.00
CA GLY A 101 25.08 8.29 0.42
C GLY A 101 25.19 7.26 -0.69
N ARG A 102 25.84 6.15 -0.36
CA ARG A 102 26.01 5.05 -1.29
C ARG A 102 24.73 4.27 -1.43
N LYS A 103 24.67 3.45 -2.48
CA LYS A 103 23.53 2.55 -2.67
C LYS A 103 23.39 1.62 -1.48
N LEU A 104 22.16 1.57 -0.94
CA LEU A 104 21.89 0.76 0.25
C LEU A 104 21.63 -0.67 -0.16
N LEU A 105 22.53 -1.57 0.23
CA LEU A 105 22.40 -2.99 -0.10
C LEU A 105 22.74 -3.82 1.13
N TRP A 106 22.09 -4.97 1.23
CA TRP A 106 22.26 -5.90 2.35
C TRP A 106 22.16 -5.17 3.69
N GLY A 107 21.16 -4.31 3.80
CA GLY A 107 21.06 -3.44 4.96
C GLY A 107 22.00 -2.27 4.82
N ARG A 108 22.76 -1.99 5.89
CA ARG A 108 23.69 -0.87 5.93
C ARG A 108 23.04 0.43 5.47
N GLU A 109 22.00 0.83 6.19
CA GLU A 109 21.24 2.02 5.87
C GLU A 109 21.79 3.21 6.65
N ASP A 110 22.23 4.23 5.92
CA ASP A 110 22.66 5.48 6.53
C ASP A 110 22.36 6.61 5.56
N TYR A 111 21.98 7.77 6.11
CA TYR A 111 21.48 8.86 5.29
C TYR A 111 22.10 10.18 5.77
N TYR A 112 22.69 10.92 4.83
CA TYR A 112 23.14 12.29 5.08
C TYR A 112 22.68 13.14 3.91
N MET A 113 21.77 14.07 4.18
CA MET A 113 21.16 14.92 3.14
C MET A 113 22.14 16.03 2.79
N GLY A 114 23.03 15.75 1.84
CA GLY A 114 24.05 16.72 1.48
C GLY A 114 23.49 17.97 0.82
N VAL A 115 22.56 17.80 -0.12
CA VAL A 115 22.04 18.90 -0.93
C VAL A 115 20.60 19.17 -0.52
N TRP A 116 20.29 20.42 -0.24
CA TRP A 116 18.97 20.87 0.14
C TRP A 116 18.41 21.80 -0.94
N GLY A 117 17.24 22.37 -0.65
CA GLY A 117 16.63 23.32 -1.57
C GLY A 117 15.67 24.22 -0.83
N LYS A 118 15.33 25.33 -1.47
CA LYS A 118 14.37 26.27 -0.89
C LYS A 118 13.01 25.60 -0.77
N GLY A 119 12.41 25.73 0.41
CA GLY A 119 11.16 25.05 0.68
C GLY A 119 9.93 25.90 0.40
N THR A 120 8.78 25.22 0.34
CA THR A 120 7.49 25.86 0.13
C THR A 120 6.69 25.79 1.41
N THR A 121 6.38 26.95 1.98
CA THR A 121 5.64 27.01 3.24
C THR A 121 4.20 26.56 3.02
N VAL A 122 3.66 25.83 3.99
CA VAL A 122 2.26 25.43 4.00
C VAL A 122 1.63 25.96 5.27
N THR A 123 0.46 26.58 5.14
CA THR A 123 -0.24 27.19 6.26
C THR A 123 -1.56 26.46 6.47
N VAL A 124 -1.80 26.03 7.71
CA VAL A 124 -3.03 25.34 8.05
C VAL A 124 -3.79 26.10 9.13
N LEU B 339 30.79 -6.86 -15.35
CA LEU B 339 29.65 -7.73 -15.63
C LEU B 339 28.37 -6.92 -15.81
N CYS B 340 27.29 -7.36 -15.16
CA CYS B 340 26.01 -6.69 -15.26
C CYS B 340 25.49 -6.36 -13.86
N PRO B 341 24.87 -5.19 -13.69
CA PRO B 341 24.25 -4.86 -12.41
C PRO B 341 22.95 -5.62 -12.22
N PHE B 342 22.98 -6.65 -11.38
CA PHE B 342 21.79 -7.40 -11.03
C PHE B 342 21.66 -7.51 -9.52
N GLY B 343 22.80 -7.38 -8.82
CA GLY B 343 22.78 -7.47 -7.37
C GLY B 343 21.90 -6.43 -6.72
N GLU B 344 22.01 -5.18 -7.19
CA GLU B 344 21.24 -4.09 -6.58
C GLU B 344 19.74 -4.34 -6.69
N VAL B 345 19.30 -4.98 -7.78
CA VAL B 345 17.89 -5.29 -7.93
C VAL B 345 17.45 -6.37 -6.94
N PHE B 346 18.26 -7.43 -6.80
CA PHE B 346 17.90 -8.56 -5.97
C PHE B 346 18.48 -8.49 -4.57
N ASN B 347 19.17 -7.40 -4.22
CA ASN B 347 19.75 -7.28 -2.88
C ASN B 347 19.54 -5.90 -2.27
N ALA B 348 18.56 -5.14 -2.76
CA ALA B 348 18.28 -3.84 -2.20
C ALA B 348 17.65 -3.98 -0.82
N THR B 349 18.00 -3.05 0.08
CA THR B 349 17.42 -3.08 1.42
C THR B 349 15.92 -2.82 1.38
N ARG B 350 15.48 -1.88 0.56
CA ARG B 350 14.07 -1.54 0.41
C ARG B 350 13.59 -1.94 -0.98
N PHE B 351 12.28 -2.14 -1.08
CA PHE B 351 11.65 -2.52 -2.34
C PHE B 351 10.45 -1.62 -2.61
N ALA B 352 10.16 -1.43 -3.90
CA ALA B 352 9.09 -0.54 -4.32
C ALA B 352 7.72 -1.20 -4.09
N SER B 353 6.70 -0.34 -3.96
CA SER B 353 5.33 -0.80 -3.81
C SER B 353 4.76 -1.22 -5.16
N VAL B 354 3.66 -1.97 -5.11
CA VAL B 354 3.06 -2.51 -6.33
C VAL B 354 2.56 -1.39 -7.24
N TYR B 355 1.86 -0.41 -6.67
CA TYR B 355 1.27 0.63 -7.50
C TYR B 355 2.35 1.51 -8.13
N ALA B 356 3.45 1.74 -7.41
CA ALA B 356 4.55 2.56 -7.87
C ALA B 356 5.79 1.71 -8.16
N TRP B 357 5.59 0.56 -8.79
CA TRP B 357 6.67 -0.36 -9.11
C TRP B 357 7.76 0.35 -9.90
N ASN B 358 9.01 0.08 -9.53
CA ASN B 358 10.15 0.71 -10.17
C ASN B 358 10.59 -0.07 -11.39
N ARG B 359 10.96 0.65 -12.45
CA ARG B 359 11.46 0.05 -13.67
C ARG B 359 12.93 0.44 -13.84
N LYS B 360 13.81 -0.55 -13.75
CA LYS B 360 15.25 -0.35 -13.89
C LYS B 360 15.67 -0.75 -15.29
N ARG B 361 16.25 0.20 -16.03
CA ARG B 361 16.73 -0.05 -17.37
C ARG B 361 18.15 -0.57 -17.33
N ILE B 362 18.40 -1.69 -18.01
CA ILE B 362 19.71 -2.32 -18.04
C ILE B 362 20.18 -2.39 -19.49
N SER B 363 21.38 -1.88 -19.74
CA SER B 363 21.96 -1.91 -21.08
C SER B 363 23.48 -1.87 -20.97
N ASN B 364 24.14 -2.34 -22.03
CA ASN B 364 25.60 -2.35 -22.12
C ASN B 364 26.21 -3.12 -20.93
N CYS B 365 25.91 -4.40 -20.87
CA CYS B 365 26.37 -5.24 -19.77
C CYS B 365 26.48 -6.69 -20.24
N VAL B 366 27.21 -7.48 -19.47
CA VAL B 366 27.31 -8.92 -19.68
C VAL B 366 26.44 -9.58 -18.61
N ALA B 367 25.24 -10.00 -19.00
CA ALA B 367 24.25 -10.52 -18.07
C ALA B 367 24.43 -12.03 -17.91
N ASP B 368 24.71 -12.46 -16.68
CA ASP B 368 24.86 -13.87 -16.35
C ASP B 368 23.60 -14.31 -15.59
N TYR B 369 22.59 -14.73 -16.35
CA TYR B 369 21.34 -15.21 -15.75
C TYR B 369 21.48 -16.57 -15.09
N SER B 370 22.57 -17.30 -15.37
CA SER B 370 22.72 -18.65 -14.84
C SER B 370 22.79 -18.65 -13.32
N VAL B 371 23.51 -17.69 -12.74
CA VAL B 371 23.68 -17.66 -11.29
C VAL B 371 22.35 -17.41 -10.59
N LEU B 372 21.48 -16.61 -11.20
CA LEU B 372 20.15 -16.39 -10.63
C LEU B 372 19.36 -17.70 -10.58
N TYR B 373 19.38 -18.45 -11.67
CA TYR B 373 18.65 -19.71 -11.70
C TYR B 373 19.27 -20.74 -10.75
N ASN B 374 20.60 -20.72 -10.62
CA ASN B 374 21.28 -21.65 -9.73
C ASN B 374 20.87 -21.42 -8.28
N SER B 375 20.71 -20.16 -7.88
CA SER B 375 20.35 -19.85 -6.50
C SER B 375 19.02 -20.48 -6.12
N ALA B 376 19.03 -21.29 -5.07
CA ALA B 376 17.81 -21.93 -4.59
C ALA B 376 16.93 -20.99 -3.79
N SER B 377 17.41 -19.78 -3.46
CA SER B 377 16.60 -18.83 -2.70
C SER B 377 15.34 -18.45 -3.46
N PHE B 378 15.45 -18.25 -4.77
CA PHE B 378 14.30 -17.86 -5.58
C PHE B 378 13.29 -19.01 -5.61
N SER B 379 12.17 -18.82 -4.89
CA SER B 379 11.14 -19.87 -4.86
C SER B 379 10.51 -20.04 -6.24
N THR B 380 10.24 -18.95 -6.95
CA THR B 380 9.59 -18.99 -8.24
C THR B 380 10.53 -18.44 -9.30
N PHE B 381 10.73 -19.20 -10.39
CA PHE B 381 11.55 -18.77 -11.50
C PHE B 381 10.88 -19.09 -12.83
N LYS B 382 9.55 -18.98 -12.88
CA LYS B 382 8.83 -19.29 -14.11
C LYS B 382 9.22 -18.33 -15.22
N CYS B 383 9.48 -18.88 -16.40
CA CYS B 383 9.87 -18.10 -17.57
C CYS B 383 8.86 -18.32 -18.69
N TYR B 384 8.49 -17.24 -19.37
CA TYR B 384 7.51 -17.29 -20.45
C TYR B 384 8.20 -17.00 -21.77
N GLY B 385 8.03 -17.91 -22.73
CA GLY B 385 8.60 -17.70 -24.05
C GLY B 385 10.11 -17.75 -24.12
N VAL B 386 10.77 -18.34 -23.12
CA VAL B 386 12.22 -18.43 -23.10
C VAL B 386 12.61 -19.53 -22.12
N SER B 387 13.79 -20.12 -22.33
CA SER B 387 14.31 -21.17 -21.48
C SER B 387 15.37 -20.62 -20.53
N PRO B 388 15.47 -21.17 -19.32
CA PRO B 388 16.50 -20.68 -18.39
C PRO B 388 17.91 -20.79 -18.93
N THR B 389 18.22 -21.86 -19.67
CA THR B 389 19.54 -21.98 -20.26
C THR B 389 19.70 -21.08 -21.48
N LYS B 390 18.61 -20.78 -22.19
CA LYS B 390 18.68 -19.90 -23.35
C LYS B 390 18.87 -18.44 -22.97
N LEU B 391 18.73 -18.09 -21.69
CA LEU B 391 18.94 -16.71 -21.27
C LEU B 391 20.36 -16.25 -21.56
N ASN B 392 21.34 -17.08 -21.23
CA ASN B 392 22.72 -16.75 -21.55
C ASN B 392 23.04 -16.97 -23.03
N ASP B 393 22.43 -18.00 -23.64
CA ASP B 393 22.70 -18.30 -25.03
C ASP B 393 22.17 -17.22 -25.96
N LEU B 394 20.97 -16.70 -25.68
CA LEU B 394 20.35 -15.69 -26.51
C LEU B 394 20.60 -14.31 -25.93
N CYS B 395 21.04 -13.38 -26.77
CA CYS B 395 21.33 -12.02 -26.35
C CYS B 395 20.16 -11.09 -26.70
N PHE B 396 19.97 -10.08 -25.85
CA PHE B 396 18.91 -9.10 -26.02
C PHE B 396 19.49 -7.70 -25.82
N THR B 397 18.61 -6.70 -25.85
CA THR B 397 19.01 -5.32 -25.60
C THR B 397 17.89 -4.60 -24.86
N ASN B 398 18.26 -3.56 -24.11
CA ASN B 398 17.32 -2.74 -23.36
C ASN B 398 16.46 -3.58 -22.43
N VAL B 399 17.13 -4.41 -21.63
CA VAL B 399 16.44 -5.28 -20.67
C VAL B 399 15.96 -4.45 -19.49
N TYR B 400 14.69 -4.61 -19.13
CA TYR B 400 14.08 -3.90 -18.02
C TYR B 400 13.85 -4.85 -16.85
N ALA B 401 13.90 -4.29 -15.64
CA ALA B 401 13.69 -5.05 -14.41
C ALA B 401 12.67 -4.30 -13.55
N ASP B 402 11.55 -4.96 -13.28
CA ASP B 402 10.48 -4.40 -12.45
C ASP B 402 10.48 -5.11 -11.11
N SER B 403 10.59 -4.35 -10.03
CA SER B 403 10.67 -4.90 -8.68
C SER B 403 9.54 -4.35 -7.83
N PHE B 404 8.86 -5.25 -7.12
CA PHE B 404 7.79 -4.88 -6.20
C PHE B 404 7.55 -6.04 -5.25
N VAL B 405 6.83 -5.75 -4.17
CA VAL B 405 6.54 -6.72 -3.11
C VAL B 405 5.03 -6.92 -3.05
N ILE B 406 4.61 -8.19 -3.09
CA ILE B 406 3.21 -8.56 -2.97
C ILE B 406 3.09 -9.70 -1.97
N ARG B 407 1.86 -9.92 -1.50
CA ARG B 407 1.62 -11.01 -0.57
C ARG B 407 1.78 -12.36 -1.27
N GLY B 408 1.82 -13.43 -0.48
CA GLY B 408 2.19 -14.73 -1.01
C GLY B 408 1.20 -15.27 -2.03
N ASP B 409 -0.09 -15.16 -1.74
CA ASP B 409 -1.09 -15.77 -2.61
C ASP B 409 -1.31 -15.01 -3.91
N GLU B 410 -0.75 -13.81 -4.06
CA GLU B 410 -0.93 -13.02 -5.26
C GLU B 410 0.18 -13.19 -6.28
N VAL B 411 1.14 -14.10 -6.03
CA VAL B 411 2.20 -14.33 -7.01
C VAL B 411 1.64 -14.95 -8.27
N ARG B 412 0.51 -15.64 -8.19
CA ARG B 412 -0.10 -16.24 -9.37
C ARG B 412 -0.62 -15.18 -10.34
N GLN B 413 -1.04 -14.02 -9.82
CA GLN B 413 -1.59 -12.97 -10.67
C GLN B 413 -0.53 -12.32 -11.57
N ILE B 414 0.75 -12.56 -11.30
CA ILE B 414 1.83 -12.01 -12.14
C ILE B 414 2.07 -13.02 -13.25
N ALA B 415 1.31 -12.91 -14.33
CA ALA B 415 1.40 -13.80 -15.46
C ALA B 415 0.88 -13.07 -16.69
N PRO B 416 1.26 -13.50 -17.90
CA PRO B 416 0.77 -12.81 -19.10
C PRO B 416 -0.74 -12.76 -19.20
N GLY B 417 -1.43 -13.84 -18.84
CA GLY B 417 -2.87 -13.80 -18.76
C GLY B 417 -3.39 -14.09 -17.36
N GLN B 418 -3.91 -13.07 -16.70
CA GLN B 418 -4.42 -13.21 -15.35
C GLN B 418 -5.44 -12.11 -15.07
N THR B 419 -6.27 -12.34 -14.06
CA THR B 419 -7.28 -11.38 -13.62
C THR B 419 -7.21 -11.23 -12.12
N GLY B 420 -7.15 -9.99 -11.65
CA GLY B 420 -7.09 -9.73 -10.22
C GLY B 420 -7.07 -8.24 -9.98
N LYS B 421 -7.15 -7.89 -8.69
CA LYS B 421 -7.12 -6.48 -8.32
C LYS B 421 -5.76 -5.85 -8.55
N ILE B 422 -4.69 -6.63 -8.38
CA ILE B 422 -3.35 -6.10 -8.65
C ILE B 422 -2.88 -6.41 -10.06
N ALA B 423 -3.53 -7.34 -10.76
CA ALA B 423 -3.18 -7.64 -12.14
C ALA B 423 -3.94 -6.80 -13.15
N ASP B 424 -4.91 -6.00 -12.70
CA ASP B 424 -5.68 -5.14 -13.59
C ASP B 424 -5.60 -3.67 -13.23
N TYR B 425 -5.12 -3.32 -12.04
CA TYR B 425 -5.03 -1.93 -11.62
C TYR B 425 -3.65 -1.53 -11.11
N ASN B 426 -2.76 -2.47 -10.85
CA ASN B 426 -1.42 -2.16 -10.35
C ASN B 426 -0.33 -2.51 -11.35
N TYR B 427 -0.29 -3.75 -11.83
CA TYR B 427 0.76 -4.20 -12.74
C TYR B 427 0.20 -5.30 -13.62
N LYS B 428 0.15 -5.05 -14.92
CA LYS B 428 -0.41 -5.98 -15.89
C LYS B 428 0.65 -6.37 -16.91
N LEU B 429 0.91 -7.66 -17.03
CA LEU B 429 1.82 -8.16 -18.04
C LEU B 429 1.11 -8.30 -19.39
N PRO B 430 1.81 -8.06 -20.49
CA PRO B 430 1.21 -8.26 -21.81
C PRO B 430 0.93 -9.74 -22.06
N ASP B 431 -0.08 -10.00 -22.90
CA ASP B 431 -0.44 -11.38 -23.22
C ASP B 431 0.71 -12.11 -23.93
N ASP B 432 1.54 -11.38 -24.67
CA ASP B 432 2.69 -11.94 -25.36
C ASP B 432 3.99 -11.66 -24.61
N PHE B 433 3.93 -11.65 -23.27
CA PHE B 433 5.11 -11.35 -22.47
C PHE B 433 6.17 -12.42 -22.64
N THR B 434 7.42 -11.98 -22.76
CA THR B 434 8.58 -12.87 -22.93
C THR B 434 9.60 -12.50 -21.85
N GLY B 435 9.57 -13.24 -20.75
CA GLY B 435 10.50 -12.97 -19.66
C GLY B 435 10.28 -13.95 -18.52
N CYS B 436 11.07 -13.76 -17.47
CA CYS B 436 11.02 -14.61 -16.28
C CYS B 436 10.55 -13.79 -15.09
N VAL B 437 9.64 -14.35 -14.31
CA VAL B 437 9.17 -13.75 -13.07
C VAL B 437 9.86 -14.45 -11.90
N ILE B 438 10.49 -13.67 -11.03
CA ILE B 438 11.29 -14.20 -9.93
C ILE B 438 10.66 -13.75 -8.63
N ALA B 439 10.37 -14.70 -7.75
CA ALA B 439 9.77 -14.40 -6.46
C ALA B 439 10.43 -15.24 -5.37
N TRP B 440 10.58 -14.64 -4.19
CA TRP B 440 11.14 -15.34 -3.04
C TRP B 440 10.63 -14.70 -1.76
N ASN B 441 10.46 -15.53 -0.74
CA ASN B 441 9.93 -15.05 0.54
C ASN B 441 10.91 -14.10 1.22
N SER B 442 10.38 -13.05 1.83
CA SER B 442 11.18 -12.07 2.55
C SER B 442 10.50 -11.69 3.86
N ASN B 443 9.98 -12.69 4.57
CA ASN B 443 9.29 -12.44 5.84
C ASN B 443 10.22 -11.89 6.90
N ASN B 444 11.53 -12.13 6.79
CA ASN B 444 12.48 -11.69 7.81
C ASN B 444 12.89 -10.24 7.68
N LEU B 445 12.57 -9.58 6.56
CA LEU B 445 13.01 -8.22 6.32
C LEU B 445 11.85 -7.24 6.27
N ASP B 446 10.87 -7.47 5.42
CA ASP B 446 9.80 -6.49 5.21
C ASP B 446 8.79 -6.50 6.35
N SER B 447 8.53 -7.64 6.96
CA SER B 447 7.48 -7.76 7.97
C SER B 447 7.90 -7.01 9.22
N LYS B 448 7.20 -5.93 9.54
CA LYS B 448 7.41 -5.20 10.77
C LYS B 448 6.52 -5.77 11.87
N VAL B 449 7.01 -5.70 13.11
CA VAL B 449 6.29 -6.30 14.24
C VAL B 449 4.93 -5.64 14.41
N GLY B 450 4.89 -4.31 14.34
CA GLY B 450 3.64 -3.57 14.46
C GLY B 450 2.98 -3.19 13.17
N GLY B 451 3.60 -3.46 12.03
CA GLY B 451 3.04 -3.05 10.76
C GLY B 451 3.50 -1.67 10.33
N ASN B 452 3.59 -1.47 9.02
CA ASN B 452 4.06 -0.20 8.48
C ASN B 452 3.35 0.08 7.17
N TYR B 453 3.36 1.36 6.78
CA TYR B 453 2.77 1.81 5.53
C TYR B 453 3.78 1.86 4.39
N ASN B 454 4.92 1.18 4.53
CA ASN B 454 5.92 1.19 3.47
C ASN B 454 5.41 0.51 2.21
N TYR B 455 4.66 -0.58 2.35
CA TYR B 455 4.14 -1.34 1.22
C TYR B 455 2.63 -1.19 1.17
N LEU B 456 2.12 -0.77 0.00
CA LEU B 456 0.69 -0.57 -0.19
C LEU B 456 0.36 -0.80 -1.65
N TYR B 457 -0.91 -1.08 -1.91
CA TYR B 457 -1.37 -1.42 -3.25
C TYR B 457 -2.62 -0.63 -3.58
N ARG B 458 -2.88 -0.48 -4.88
CA ARG B 458 -4.04 0.25 -5.38
C ARG B 458 -5.23 -0.68 -5.48
N LEU B 459 -6.36 -0.28 -4.89
CA LEU B 459 -7.56 -1.08 -4.87
C LEU B 459 -8.66 -0.55 -5.79
N PHE B 460 -8.73 0.76 -6.01
CA PHE B 460 -9.78 1.37 -6.80
C PHE B 460 -9.19 1.98 -8.06
N ARG B 461 -9.76 1.64 -9.21
CA ARG B 461 -9.40 2.29 -10.47
C ARG B 461 -10.53 2.04 -11.46
N LYS B 462 -10.89 3.10 -12.21
CA LYS B 462 -12.03 3.01 -13.11
C LYS B 462 -11.76 2.06 -14.28
N SER B 463 -10.59 2.17 -14.89
CA SER B 463 -10.25 1.38 -16.06
C SER B 463 -9.14 0.37 -15.72
N ASN B 464 -8.73 -0.39 -16.72
CA ASN B 464 -7.69 -1.38 -16.57
C ASN B 464 -6.38 -0.85 -17.16
N LEU B 465 -5.29 -1.06 -16.42
CA LEU B 465 -3.99 -0.60 -16.87
C LEU B 465 -3.56 -1.32 -18.14
N LYS B 466 -2.94 -0.59 -19.05
CA LYS B 466 -2.31 -1.18 -20.21
C LYS B 466 -1.03 -1.90 -19.77
N PRO B 467 -0.56 -2.87 -20.57
CA PRO B 467 0.66 -3.59 -20.19
C PRO B 467 1.85 -2.65 -20.03
N PHE B 468 2.65 -2.92 -19.01
CA PHE B 468 3.84 -2.12 -18.69
C PHE B 468 3.49 -0.65 -18.48
N GLU B 469 2.43 -0.41 -17.71
CA GLU B 469 2.01 0.93 -17.36
C GLU B 469 1.88 1.05 -15.84
N ARG B 470 2.34 2.18 -15.31
CA ARG B 470 2.28 2.45 -13.87
C ARG B 470 1.48 3.72 -13.64
N ASP B 471 0.65 3.70 -12.60
CA ASP B 471 -0.18 4.84 -12.21
C ASP B 471 0.15 5.21 -10.77
N ILE B 472 0.84 6.33 -10.58
CA ILE B 472 1.21 6.79 -9.25
C ILE B 472 0.33 7.96 -8.79
N SER B 473 -0.71 8.29 -9.54
CA SER B 473 -1.60 9.37 -9.15
C SER B 473 -2.37 8.98 -7.88
N THR B 474 -2.51 9.95 -6.98
CA THR B 474 -3.21 9.74 -5.70
C THR B 474 -4.32 10.79 -5.61
N GLU B 475 -5.49 10.46 -6.15
CA GLU B 475 -6.64 11.33 -6.11
C GLU B 475 -7.82 10.59 -5.50
N ILE B 476 -8.72 11.35 -4.87
CA ILE B 476 -9.87 10.75 -4.21
C ILE B 476 -10.78 10.12 -5.25
N TYR B 477 -10.99 8.81 -5.15
CA TYR B 477 -11.84 8.10 -6.09
C TYR B 477 -13.30 8.48 -5.90
N GLN B 478 -14.02 8.65 -7.00
CA GLN B 478 -15.42 9.02 -6.97
C GLN B 478 -16.28 7.78 -7.21
N ALA B 479 -17.14 7.46 -6.25
CA ALA B 479 -17.95 6.25 -6.28
C ALA B 479 -19.43 6.54 -6.55
N GLY B 480 -19.73 7.56 -7.33
CA GLY B 480 -21.12 7.87 -7.64
C GLY B 480 -21.24 9.20 -8.36
N SER B 481 -22.50 9.59 -8.56
CA SER B 481 -22.80 10.79 -9.34
C SER B 481 -22.24 12.04 -8.68
N THR B 482 -22.44 12.19 -7.37
CA THR B 482 -22.01 13.40 -6.69
C THR B 482 -20.48 13.51 -6.70
N PRO B 483 -19.93 14.63 -7.16
CA PRO B 483 -18.47 14.78 -7.16
C PRO B 483 -17.93 14.91 -5.75
N CYS B 484 -16.65 14.57 -5.60
CA CYS B 484 -15.99 14.61 -4.31
C CYS B 484 -14.85 15.61 -4.32
N ASN B 485 -14.70 16.32 -3.22
CA ASN B 485 -13.63 17.29 -3.03
C ASN B 485 -12.41 16.59 -2.42
N GLY B 486 -11.47 17.38 -1.91
CA GLY B 486 -10.28 16.79 -1.30
C GLY B 486 -10.61 15.90 -0.12
N VAL B 487 -11.62 16.27 0.68
CA VAL B 487 -12.02 15.46 1.80
C VAL B 487 -12.53 14.11 1.31
N GLU B 488 -12.30 13.07 2.11
CA GLU B 488 -12.72 11.71 1.80
C GLU B 488 -13.69 11.21 2.86
N GLY B 489 -14.81 10.67 2.41
CA GLY B 489 -15.82 10.11 3.31
C GLY B 489 -16.62 9.05 2.61
N PHE B 490 -17.94 9.09 2.78
CA PHE B 490 -18.81 8.17 2.06
C PHE B 490 -18.71 8.42 0.56
N ASN B 491 -18.54 7.33 -0.20
CA ASN B 491 -18.35 7.37 -1.65
C ASN B 491 -17.12 8.16 -2.06
N CYS B 492 -16.20 8.40 -1.13
CA CYS B 492 -14.93 9.08 -1.40
C CYS B 492 -13.84 8.21 -0.80
N TYR B 493 -13.18 7.40 -1.63
CA TYR B 493 -12.22 6.42 -1.17
C TYR B 493 -10.82 6.76 -1.67
N PHE B 494 -9.85 6.71 -0.77
CA PHE B 494 -8.45 6.83 -1.17
C PHE B 494 -8.07 5.61 -2.00
N PRO B 495 -7.41 5.79 -3.15
CA PRO B 495 -7.21 4.68 -4.08
C PRO B 495 -6.16 3.66 -3.63
N LEU B 496 -5.57 3.80 -2.46
CA LEU B 496 -4.50 2.94 -2.02
C LEU B 496 -4.83 2.31 -0.67
N GLN B 497 -4.45 1.05 -0.50
CA GLN B 497 -4.60 0.33 0.75
C GLN B 497 -3.28 -0.34 1.10
N SER B 498 -2.96 -0.41 2.38
CA SER B 498 -1.67 -0.88 2.85
C SER B 498 -1.74 -2.33 3.30
N TYR B 499 -0.74 -3.11 2.90
CA TYR B 499 -0.63 -4.48 3.36
C TYR B 499 -0.33 -4.53 4.84
N GLY B 500 -0.93 -5.49 5.53
CA GLY B 500 -0.66 -5.70 6.95
C GLY B 500 0.44 -6.71 7.17
N PHE B 501 1.64 -6.43 6.67
CA PHE B 501 2.75 -7.38 6.79
C PHE B 501 3.23 -7.43 8.24
N GLN B 502 3.11 -8.59 8.86
CA GLN B 502 3.57 -8.83 10.22
C GLN B 502 4.22 -10.21 10.28
N PRO B 503 5.18 -10.41 11.20
CA PRO B 503 5.81 -11.73 11.31
C PRO B 503 4.84 -12.84 11.66
N THR B 504 3.76 -12.52 12.39
CA THR B 504 2.78 -13.53 12.77
C THR B 504 1.98 -14.05 11.58
N ASN B 505 1.98 -13.33 10.46
CA ASN B 505 1.22 -13.76 9.29
C ASN B 505 1.74 -15.10 8.78
N GLY B 506 0.81 -15.98 8.42
CA GLY B 506 1.17 -17.27 7.88
C GLY B 506 1.52 -17.22 6.41
N VAL B 507 1.84 -18.40 5.87
CA VAL B 507 2.16 -18.49 4.45
C VAL B 507 0.95 -18.13 3.62
N GLY B 508 1.16 -17.31 2.60
CA GLY B 508 0.10 -16.76 1.79
C GLY B 508 -0.23 -15.32 2.09
N TYR B 509 0.29 -14.77 3.18
CA TYR B 509 0.14 -13.36 3.49
C TYR B 509 1.46 -12.66 3.80
N GLN B 510 2.56 -13.41 3.97
CA GLN B 510 3.84 -12.80 4.22
C GLN B 510 4.34 -12.07 2.96
N PRO B 511 5.16 -11.04 3.13
CA PRO B 511 5.69 -10.33 1.96
C PRO B 511 6.60 -11.21 1.13
N TYR B 512 6.44 -11.11 -0.20
CA TYR B 512 7.28 -11.81 -1.16
C TYR B 512 7.84 -10.80 -2.14
N ARG B 513 9.16 -10.74 -2.25
CA ARG B 513 9.78 -9.91 -3.28
C ARG B 513 9.47 -10.49 -4.65
N VAL B 514 9.15 -9.62 -5.60
CA VAL B 514 8.86 -10.03 -6.97
C VAL B 514 9.70 -9.18 -7.92
N VAL B 515 10.45 -9.85 -8.79
CA VAL B 515 11.26 -9.19 -9.82
C VAL B 515 10.82 -9.73 -11.17
N VAL B 516 10.50 -8.82 -12.09
CA VAL B 516 10.07 -9.18 -13.44
C VAL B 516 11.11 -8.66 -14.42
N LEU B 517 11.69 -9.58 -15.20
CA LEU B 517 12.69 -9.24 -16.20
C LEU B 517 12.05 -9.25 -17.58
N SER B 518 12.05 -8.09 -18.24
CA SER B 518 11.48 -7.94 -19.57
C SER B 518 12.60 -7.91 -20.60
N PHE B 519 12.65 -8.92 -21.47
CA PHE B 519 13.66 -9.01 -22.51
C PHE B 519 13.11 -8.38 -23.77
N GLU B 520 13.45 -7.11 -24.01
CA GLU B 520 12.99 -6.40 -25.18
C GLU B 520 13.66 -6.97 -26.44
N LEU B 521 12.91 -6.99 -27.53
CA LEU B 521 13.44 -7.49 -28.80
C LEU B 521 14.57 -6.59 -29.29
N LEU B 522 15.49 -7.19 -30.05
CA LEU B 522 16.71 -6.51 -30.47
C LEU B 522 16.40 -5.52 -31.60
N HIS B 523 15.66 -4.47 -31.25
CA HIS B 523 15.43 -3.38 -32.18
C HIS B 523 16.72 -2.62 -32.47
N ALA B 524 17.52 -2.39 -31.43
CA ALA B 524 18.80 -1.73 -31.49
C ALA B 524 19.93 -2.76 -31.51
N PRO B 525 21.16 -2.33 -31.77
CA PRO B 525 22.29 -3.26 -31.64
C PRO B 525 22.35 -3.86 -30.24
N ALA B 526 22.73 -5.13 -30.18
CA ALA B 526 22.73 -5.88 -28.93
C ALA B 526 23.63 -5.23 -27.89
N THR B 527 23.12 -5.10 -26.66
CA THR B 527 23.87 -4.48 -25.58
C THR B 527 23.96 -5.40 -24.38
N VAL B 528 22.92 -6.21 -24.15
CA VAL B 528 22.89 -7.10 -22.99
C VAL B 528 23.02 -8.54 -23.46
N CYS B 529 24.25 -9.04 -23.53
CA CYS B 529 24.53 -10.39 -23.97
C CYS B 529 25.06 -11.23 -22.82
N GLY B 530 24.85 -12.54 -22.90
CA GLY B 530 25.33 -13.45 -21.89
C GLY B 530 26.82 -13.69 -22.00
N PRO B 531 27.36 -14.42 -21.01
CA PRO B 531 28.78 -14.76 -20.95
C PRO B 531 29.26 -15.55 -22.17
N TYR C 2 19.25 7.45 19.04
CA TYR C 2 17.86 7.84 18.81
C TYR C 2 17.50 9.07 19.64
N GLU C 3 17.84 9.03 20.92
CA GLU C 3 17.54 10.14 21.83
C GLU C 3 18.70 11.14 21.79
N LEU C 4 18.81 11.81 20.65
CA LEU C 4 19.85 12.82 20.47
C LEU C 4 19.52 14.07 21.30
N THR C 5 20.52 14.58 22.02
CA THR C 5 20.31 15.72 22.91
C THR C 5 21.58 16.55 22.92
N GLN C 6 21.51 17.76 22.37
CA GLN C 6 22.63 18.71 22.40
C GLN C 6 22.16 19.99 23.08
N PRO C 7 22.85 20.44 24.13
CA PRO C 7 22.45 21.69 24.81
C PRO C 7 22.53 22.88 23.87
N PRO C 8 21.51 23.74 23.87
CA PRO C 8 21.51 24.93 23.00
C PRO C 8 22.17 26.15 23.66
N SER C 9 23.43 26.00 24.06
CA SER C 9 24.14 27.09 24.71
C SER C 9 25.62 27.00 24.33
N VAL C 10 26.00 27.75 23.29
CA VAL C 10 27.39 27.89 22.88
C VAL C 10 27.66 29.38 22.70
N SER C 11 28.60 29.91 23.48
CA SER C 11 28.95 31.33 23.46
C SER C 11 30.47 31.49 23.37
N VAL C 12 31.08 30.73 22.45
CA VAL C 12 32.53 30.71 22.32
C VAL C 12 33.04 32.10 21.94
N ALA C 13 34.05 32.56 22.66
CA ALA C 13 34.62 33.87 22.39
C ALA C 13 35.28 33.89 21.02
N PRO C 14 35.23 35.02 20.30
CA PRO C 14 35.83 35.09 18.96
C PRO C 14 37.29 34.68 18.94
N GLY C 15 37.64 33.76 18.03
CA GLY C 15 39.00 33.28 17.88
C GLY C 15 39.32 32.02 18.64
N LYS C 16 38.52 31.67 19.64
CA LYS C 16 38.77 30.50 20.46
C LYS C 16 38.12 29.25 19.86
N THR C 17 38.63 28.09 20.27
CA THR C 17 38.09 26.83 19.78
C THR C 17 36.69 26.59 20.33
N ALA C 18 35.80 26.11 19.46
CA ALA C 18 34.43 25.80 19.82
C ALA C 18 34.24 24.30 19.93
N ARG C 19 33.29 23.89 20.77
CA ARG C 19 32.97 22.48 20.97
C ARG C 19 31.47 22.33 21.16
N ILE C 20 30.84 21.49 20.35
CA ILE C 20 29.43 21.17 20.46
C ILE C 20 29.30 19.66 20.64
N THR C 21 28.57 19.26 21.68
CA THR C 21 28.45 17.85 22.04
C THR C 21 27.07 17.33 21.70
N CYS C 22 27.02 16.13 21.13
CA CYS C 22 25.77 15.44 20.80
C CYS C 22 25.60 14.28 21.77
N GLY C 23 24.49 14.28 22.51
CA GLY C 23 24.25 13.28 23.52
C GLY C 23 23.35 12.17 23.02
N GLY C 24 23.88 10.95 23.04
CA GLY C 24 23.12 9.79 22.61
C GLY C 24 23.62 8.50 23.21
N SER C 25 22.70 7.60 23.58
CA SER C 25 23.08 6.34 24.18
C SER C 25 23.75 5.44 23.15
N ASN C 26 24.97 5.00 23.45
CA ASN C 26 25.77 4.18 22.54
C ASN C 26 25.90 4.84 21.17
N ILE C 27 26.10 6.16 21.18
CA ILE C 27 26.16 6.93 19.95
C ILE C 27 27.42 6.61 19.14
N GLY C 28 28.42 5.99 19.76
CA GLY C 28 29.64 5.67 19.04
C GLY C 28 29.42 4.69 17.91
N SER C 29 28.55 3.69 18.12
CA SER C 29 28.28 2.70 17.08
C SER C 29 27.65 3.34 15.86
N LYS C 30 26.71 4.26 16.06
CA LYS C 30 26.02 4.90 14.94
C LYS C 30 26.85 6.04 14.38
N SER C 31 26.47 6.49 13.18
CA SER C 31 27.14 7.58 12.50
C SER C 31 26.41 8.89 12.77
N VAL C 32 27.14 9.91 13.20
CA VAL C 32 26.57 11.20 13.55
C VAL C 32 26.78 12.16 12.38
N HIS C 33 25.70 12.83 11.98
CA HIS C 33 25.73 13.79 10.88
C HIS C 33 25.40 15.17 11.45
N TRP C 34 26.27 16.14 11.20
CA TRP C 34 26.11 17.49 11.71
C TRP C 34 25.65 18.43 10.60
N TYR C 35 24.67 19.28 10.93
CA TYR C 35 24.11 20.24 9.99
C TYR C 35 24.16 21.63 10.59
N GLN C 36 24.33 22.63 9.72
CA GLN C 36 24.32 24.03 10.11
C GLN C 36 23.29 24.78 9.28
N GLN C 37 22.44 25.54 9.95
CA GLN C 37 21.40 26.33 9.28
C GLN C 37 21.47 27.76 9.78
N LYS C 38 21.91 28.68 8.92
CA LYS C 38 21.89 30.08 9.26
C LYS C 38 20.47 30.64 9.10
N PRO C 39 20.12 31.69 9.85
CA PRO C 39 18.77 32.26 9.73
C PRO C 39 18.48 32.69 8.31
N GLY C 40 17.27 32.36 7.84
CA GLY C 40 16.88 32.70 6.49
C GLY C 40 17.63 31.96 5.41
N GLN C 41 18.30 30.86 5.75
CA GLN C 41 19.08 30.08 4.80
C GLN C 41 18.79 28.60 4.97
N ALA C 42 18.93 27.86 3.87
CA ALA C 42 18.75 26.42 3.93
C ALA C 42 19.90 25.78 4.72
N PRO C 43 19.62 24.71 5.48
CA PRO C 43 20.69 24.05 6.22
C PRO C 43 21.72 23.42 5.29
N VAL C 44 22.96 23.37 5.78
CA VAL C 44 24.07 22.80 5.02
C VAL C 44 24.68 21.65 5.82
N LEU C 45 25.38 20.78 5.12
CA LEU C 45 25.98 19.59 5.71
C LEU C 45 27.41 19.92 6.12
N VAL C 46 27.60 20.27 7.40
CA VAL C 46 28.93 20.54 7.90
C VAL C 46 29.75 19.25 8.01
N ILE C 47 29.14 18.20 8.55
CA ILE C 47 29.82 16.91 8.77
C ILE C 47 28.80 15.81 8.62
N TYR C 48 29.11 14.80 7.81
CA TYR C 48 28.21 13.68 7.57
C TYR C 48 28.61 12.43 8.34
N TYR C 49 29.85 11.97 8.18
CA TYR C 49 30.34 10.80 8.88
C TYR C 49 31.19 11.23 10.08
N ASP C 50 31.63 10.25 10.86
CA ASP C 50 32.47 10.53 12.02
C ASP C 50 33.80 11.12 11.58
N SER C 51 34.03 12.39 11.89
CA SER C 51 35.27 13.10 11.56
C SER C 51 35.58 13.01 10.06
N ASP C 52 34.55 13.15 9.23
CA ASP C 52 34.71 13.11 7.78
C ASP C 52 34.03 14.34 7.19
N ARG C 53 34.83 15.29 6.72
CA ARG C 53 34.32 16.55 6.22
C ARG C 53 34.06 16.48 4.71
N PRO C 54 33.01 17.15 4.24
CA PRO C 54 32.79 17.26 2.80
C PRO C 54 33.71 18.31 2.18
N SER C 55 33.74 18.31 0.85
CA SER C 55 34.60 19.23 0.12
C SER C 55 34.06 20.66 0.22
N GLY C 56 34.99 21.61 0.08
CA GLY C 56 34.63 23.02 0.07
C GLY C 56 34.08 23.57 1.36
N ILE C 57 34.63 23.15 2.50
CA ILE C 57 34.25 23.73 3.79
C ILE C 57 35.52 24.07 4.55
N PRO C 58 35.44 25.03 5.48
CA PRO C 58 36.62 25.37 6.27
C PRO C 58 37.08 24.21 7.14
N GLU C 59 38.38 24.17 7.39
CA GLU C 59 38.98 23.14 8.23
C GLU C 59 38.59 23.26 9.70
N ARG C 60 37.98 24.38 10.09
CA ARG C 60 37.65 24.61 11.50
C ARG C 60 36.75 23.51 12.05
N PHE C 61 35.73 23.11 11.29
CA PHE C 61 34.76 22.13 11.77
C PHE C 61 35.40 20.75 11.83
N SER C 62 35.53 20.21 13.05
CA SER C 62 36.11 18.90 13.26
C SER C 62 35.19 18.09 14.16
N GLY C 63 34.93 16.84 13.77
CA GLY C 63 34.05 15.98 14.53
C GLY C 63 34.77 14.86 15.24
N SER C 64 34.16 14.35 16.32
CA SER C 64 34.75 13.24 17.07
C SER C 64 33.62 12.51 17.78
N ASN C 65 33.23 11.35 17.23
CA ASN C 65 32.17 10.53 17.82
C ASN C 65 32.80 9.65 18.88
N SER C 66 32.62 10.01 20.15
CA SER C 66 33.17 9.25 21.26
C SER C 66 32.29 8.04 21.54
N GLY C 67 32.57 7.34 22.64
CA GLY C 67 31.80 6.15 22.97
C GLY C 67 30.35 6.46 23.29
N ASN C 68 30.11 7.54 24.03
CA ASN C 68 28.76 7.88 24.47
C ASN C 68 28.34 9.31 24.13
N THR C 69 29.24 10.16 23.66
CA THR C 69 28.88 11.56 23.38
C THR C 69 29.71 12.04 22.19
N ALA C 70 29.07 12.13 21.03
CA ALA C 70 29.72 12.70 19.86
C ALA C 70 29.94 14.20 20.05
N THR C 71 31.06 14.69 19.55
CA THR C 71 31.47 16.08 19.76
C THR C 71 31.81 16.72 18.43
N LEU C 72 31.29 17.92 18.20
CA LEU C 72 31.63 18.74 17.04
C LEU C 72 32.50 19.89 17.53
N THR C 73 33.76 19.90 17.09
CA THR C 73 34.74 20.88 17.53
C THR C 73 35.09 21.82 16.39
N ILE C 74 34.97 23.12 16.65
CA ILE C 74 35.28 24.15 15.67
C ILE C 74 36.45 24.96 16.23
N SER C 75 37.66 24.66 15.76
CA SER C 75 38.86 25.34 16.21
C SER C 75 39.10 26.59 15.38
N ARG C 76 39.65 27.62 16.02
CA ARG C 76 39.95 28.90 15.39
C ARG C 76 38.69 29.50 14.76
N VAL C 77 37.73 29.82 15.63
CA VAL C 77 36.44 30.32 15.18
C VAL C 77 36.62 31.70 14.55
N GLU C 78 36.21 31.84 13.30
CA GLU C 78 36.26 33.12 12.61
C GLU C 78 35.11 34.01 13.10
N ALA C 79 35.23 35.31 12.81
CA ALA C 79 34.19 36.25 13.17
C ALA C 79 32.88 35.85 12.52
N GLY C 80 31.80 35.92 13.30
CA GLY C 80 30.52 35.45 12.80
C GLY C 80 30.50 33.92 12.71
N ASP C 81 29.84 33.42 11.66
CA ASP C 81 29.73 31.98 11.42
C ASP C 81 29.09 31.26 12.61
N GLU C 82 28.08 31.89 13.20
CA GLU C 82 27.32 31.30 14.30
C GLU C 82 25.89 31.06 13.84
N ALA C 83 25.41 29.83 14.02
CA ALA C 83 24.08 29.45 13.59
C ALA C 83 23.64 28.24 14.42
N ASP C 84 22.49 27.68 14.08
CA ASP C 84 21.97 26.52 14.79
C ASP C 84 22.60 25.25 14.22
N TYR C 85 23.10 24.40 15.12
CA TYR C 85 23.77 23.16 14.74
C TYR C 85 22.95 21.97 15.25
N TYR C 86 22.70 21.01 14.37
CA TYR C 86 21.93 19.82 14.71
C TYR C 86 22.74 18.58 14.35
N CYS C 87 22.69 17.57 15.23
CA CYS C 87 23.27 16.26 14.96
C CYS C 87 22.15 15.28 14.70
N GLN C 88 22.28 14.50 13.62
CA GLN C 88 21.27 13.52 13.26
C GLN C 88 21.92 12.16 13.02
N VAL C 89 21.20 11.11 13.39
CA VAL C 89 21.63 9.72 13.19
C VAL C 89 20.45 8.94 12.62
N TRP C 90 20.74 7.71 12.18
CA TRP C 90 19.73 6.79 11.68
C TRP C 90 19.55 5.67 12.69
N ASP C 91 18.31 5.49 13.15
CA ASP C 91 17.97 4.43 14.09
C ASP C 91 17.36 3.27 13.31
N SER C 92 18.10 2.17 13.21
CA SER C 92 17.60 1.01 12.47
C SER C 92 16.37 0.41 13.14
N SER C 93 16.36 0.38 14.48
CA SER C 93 15.22 -0.17 15.19
C SER C 93 13.97 0.66 14.97
N SER C 94 14.09 1.99 15.05
CA SER C 94 12.94 2.87 14.85
C SER C 94 12.60 3.07 13.38
N ASP C 95 13.55 2.80 12.48
CA ASP C 95 13.33 2.90 11.03
C ASP C 95 12.92 4.32 10.61
N HIS C 96 13.47 5.32 11.29
CA HIS C 96 13.25 6.70 10.86
C HIS C 96 14.40 7.56 11.37
N VAL C 97 14.74 8.57 10.58
CA VAL C 97 15.85 9.47 10.91
C VAL C 97 15.42 10.42 12.02
N VAL C 98 16.30 10.63 13.00
CA VAL C 98 16.08 11.57 14.09
C VAL C 98 17.12 12.67 14.00
N PHE C 99 16.66 13.93 13.99
CA PHE C 99 17.53 15.09 13.88
C PHE C 99 17.91 15.68 15.23
N GLY C 100 17.38 15.16 16.34
CA GLY C 100 17.67 15.77 17.62
C GLY C 100 17.10 17.17 17.73
N GLY C 101 17.81 18.02 18.46
CA GLY C 101 17.39 19.40 18.65
C GLY C 101 18.52 20.32 19.05
N VAL D 2 -28.86 6.77 -1.92
CA VAL D 2 -28.41 5.50 -2.46
C VAL D 2 -29.53 4.47 -2.45
N GLN D 3 -29.66 3.72 -3.53
CA GLN D 3 -30.69 2.69 -3.63
C GLN D 3 -30.32 1.73 -4.76
N LEU D 4 -30.69 0.46 -4.58
CA LEU D 4 -30.48 -0.58 -5.57
C LEU D 4 -31.81 -1.33 -5.74
N VAL D 5 -32.58 -0.92 -6.74
CA VAL D 5 -33.87 -1.55 -7.02
C VAL D 5 -33.65 -2.76 -7.93
N GLU D 6 -34.30 -3.86 -7.62
CA GLU D 6 -34.17 -5.10 -8.37
C GLU D 6 -35.53 -5.56 -8.87
N SER D 7 -35.56 -6.10 -10.08
CA SER D 7 -36.78 -6.62 -10.66
C SER D 7 -36.45 -7.62 -11.75
N GLY D 8 -37.42 -8.44 -12.11
CA GLY D 8 -37.24 -9.42 -13.16
C GLY D 8 -37.41 -10.85 -12.69
N GLY D 9 -38.02 -11.05 -11.53
CA GLY D 9 -38.25 -12.37 -11.00
C GLY D 9 -39.51 -13.01 -11.54
N GLY D 10 -39.81 -14.19 -11.03
CA GLY D 10 -40.99 -14.93 -11.44
C GLY D 10 -40.77 -16.42 -11.53
N LEU D 11 -41.54 -17.09 -12.38
CA LEU D 11 -41.44 -18.53 -12.59
C LEU D 11 -40.93 -18.81 -13.99
N ILE D 12 -39.92 -19.68 -14.08
CA ILE D 12 -39.30 -20.02 -15.35
C ILE D 12 -39.29 -21.53 -15.50
N GLN D 13 -39.62 -22.00 -16.71
CA GLN D 13 -39.53 -23.42 -17.01
C GLN D 13 -38.09 -23.89 -16.88
N PRO D 14 -37.85 -25.08 -16.32
CA PRO D 14 -36.47 -25.57 -16.20
C PRO D 14 -35.78 -25.64 -17.55
N GLY D 15 -34.52 -25.23 -17.58
CA GLY D 15 -33.78 -25.10 -18.82
C GLY D 15 -34.00 -23.81 -19.55
N GLY D 16 -34.88 -22.94 -19.06
CA GLY D 16 -35.15 -21.67 -19.70
C GLY D 16 -34.12 -20.61 -19.36
N SER D 17 -34.26 -19.46 -20.00
CA SER D 17 -33.34 -18.35 -19.83
C SER D 17 -34.08 -17.16 -19.24
N LEU D 18 -33.48 -16.54 -18.21
CA LEU D 18 -34.05 -15.38 -17.56
C LEU D 18 -32.94 -14.39 -17.25
N ARG D 19 -33.23 -13.10 -17.42
CA ARG D 19 -32.28 -12.03 -17.13
C ARG D 19 -32.86 -11.12 -16.05
N LEU D 20 -32.08 -10.86 -15.02
CA LEU D 20 -32.49 -9.99 -13.93
C LEU D 20 -31.95 -8.58 -14.15
N SER D 21 -32.53 -7.63 -13.43
CA SER D 21 -32.15 -6.22 -13.52
C SER D 21 -31.89 -5.68 -12.13
N CYS D 22 -30.88 -4.83 -12.01
CA CYS D 22 -30.49 -4.19 -10.75
C CYS D 22 -30.34 -2.70 -11.00
N ALA D 23 -31.43 -1.96 -10.88
CA ALA D 23 -31.38 -0.51 -11.05
C ALA D 23 -30.57 0.12 -9.91
N ALA D 24 -29.87 1.21 -10.23
CA ALA D 24 -28.99 1.86 -9.29
C ALA D 24 -29.28 3.36 -9.24
N SER D 25 -29.01 3.96 -8.09
CA SER D 25 -29.12 5.40 -7.91
C SER D 25 -28.03 5.85 -6.95
N GLU D 26 -27.49 7.03 -7.19
CA GLU D 26 -26.39 7.60 -6.42
C GLU D 26 -25.14 6.71 -6.49
N PHE D 27 -25.05 5.88 -7.53
CA PHE D 27 -23.92 4.98 -7.72
C PHE D 27 -23.64 4.86 -9.21
N ILE D 28 -22.39 4.58 -9.53
CA ILE D 28 -21.98 4.32 -10.92
C ILE D 28 -21.67 2.83 -11.03
N VAL D 29 -22.49 2.10 -11.81
CA VAL D 29 -22.29 0.68 -12.00
C VAL D 29 -20.99 0.41 -12.72
N SER D 30 -20.46 1.40 -13.45
CA SER D 30 -19.13 1.27 -14.05
C SER D 30 -18.04 1.11 -13.01
N SER D 31 -18.33 1.42 -11.74
CA SER D 31 -17.39 1.24 -10.65
C SER D 31 -18.09 0.56 -9.47
N ASN D 32 -17.44 0.58 -8.31
CA ASN D 32 -17.99 0.15 -7.01
C ASN D 32 -18.06 -1.35 -6.83
N TYR D 33 -17.52 -2.15 -7.76
CA TYR D 33 -17.45 -3.61 -7.62
C TYR D 33 -18.82 -4.21 -7.33
N MET D 34 -19.72 -4.10 -8.31
CA MET D 34 -21.04 -4.67 -8.17
C MET D 34 -20.96 -6.20 -8.15
N SER D 35 -21.94 -6.82 -7.49
CA SER D 35 -21.94 -8.27 -7.29
C SER D 35 -23.37 -8.77 -7.14
N TRP D 36 -23.52 -10.09 -7.26
CA TRP D 36 -24.79 -10.77 -7.03
C TRP D 36 -24.60 -11.84 -5.97
N VAL D 37 -25.48 -11.87 -4.98
CA VAL D 37 -25.48 -12.87 -3.93
C VAL D 37 -26.88 -13.45 -3.81
N ARG D 38 -26.98 -14.78 -3.85
CA ARG D 38 -28.27 -15.46 -3.79
C ARG D 38 -28.38 -16.27 -2.50
N GLN D 39 -29.62 -16.50 -2.09
CA GLN D 39 -29.92 -17.27 -0.89
C GLN D 39 -31.09 -18.20 -1.18
N ALA D 40 -30.85 -19.51 -1.07
CA ALA D 40 -31.91 -20.47 -1.25
C ALA D 40 -32.96 -20.32 -0.15
N PRO D 41 -34.23 -20.65 -0.44
CA PRO D 41 -35.28 -20.50 0.58
C PRO D 41 -34.98 -21.33 1.82
N GLY D 42 -34.88 -20.66 2.95
CA GLY D 42 -34.55 -21.32 4.20
C GLY D 42 -33.17 -21.95 4.21
N LYS D 43 -32.19 -21.28 3.61
CA LYS D 43 -30.82 -21.77 3.55
C LYS D 43 -29.87 -20.59 3.75
N GLY D 44 -28.57 -20.90 3.77
CA GLY D 44 -27.58 -19.87 3.96
C GLY D 44 -27.23 -19.14 2.67
N LEU D 45 -26.47 -18.07 2.83
CA LEU D 45 -26.04 -17.26 1.69
C LEU D 45 -24.97 -17.99 0.88
N GLU D 46 -24.88 -17.62 -0.40
CA GLU D 46 -23.86 -18.17 -1.28
C GLU D 46 -23.56 -17.16 -2.38
N TRP D 47 -22.28 -16.91 -2.62
CA TRP D 47 -21.88 -15.97 -3.65
C TRP D 47 -22.14 -16.52 -5.04
N VAL D 48 -22.46 -15.64 -5.98
CA VAL D 48 -22.80 -16.04 -7.33
C VAL D 48 -21.81 -15.45 -8.33
N SER D 49 -21.75 -14.13 -8.41
CA SER D 49 -20.90 -13.48 -9.40
C SER D 49 -20.43 -12.13 -8.88
N LEU D 50 -19.31 -11.67 -9.44
CA LEU D 50 -18.72 -10.38 -9.10
C LEU D 50 -18.25 -9.70 -10.38
N LEU D 51 -18.55 -8.42 -10.51
CA LEU D 51 -18.15 -7.63 -11.68
C LEU D 51 -17.17 -6.55 -11.22
N TYR D 52 -15.97 -6.57 -11.79
CA TYR D 52 -14.98 -5.54 -11.51
C TYR D 52 -15.35 -4.24 -12.21
N SER D 53 -14.76 -3.14 -11.72
CA SER D 53 -14.94 -1.85 -12.39
C SER D 53 -14.35 -1.87 -13.79
N GLY D 54 -13.18 -2.49 -13.96
CA GLY D 54 -12.57 -2.57 -15.28
C GLY D 54 -13.36 -3.43 -16.24
N GLY D 55 -13.93 -4.53 -15.74
CA GLY D 55 -14.71 -5.41 -16.59
C GLY D 55 -14.53 -6.88 -16.27
N THR D 56 -13.57 -7.19 -15.39
CA THR D 56 -13.31 -8.57 -15.01
C THR D 56 -14.50 -9.15 -14.25
N THR D 57 -14.85 -10.39 -14.58
CA THR D 57 -15.97 -11.09 -13.96
C THR D 57 -15.49 -12.39 -13.34
N TYR D 58 -16.12 -12.76 -12.23
CA TYR D 58 -15.90 -14.04 -11.58
C TYR D 58 -17.24 -14.71 -11.32
N TYR D 59 -17.29 -16.02 -11.48
CA TYR D 59 -18.51 -16.78 -11.30
C TYR D 59 -18.26 -17.97 -10.38
N ALA D 60 -19.30 -18.36 -9.65
CA ALA D 60 -19.23 -19.57 -8.85
C ALA D 60 -19.25 -20.79 -9.76
N ASP D 61 -18.62 -21.87 -9.28
CA ASP D 61 -18.51 -23.08 -10.09
C ASP D 61 -19.87 -23.67 -10.41
N SER D 62 -20.78 -23.64 -9.44
CA SER D 62 -22.12 -24.20 -9.67
C SER D 62 -22.86 -23.42 -10.76
N VAL D 63 -22.71 -22.09 -10.78
CA VAL D 63 -23.39 -21.25 -11.76
C VAL D 63 -22.49 -20.88 -12.93
N LYS D 64 -21.33 -21.51 -13.04
CA LYS D 64 -20.43 -21.21 -14.15
C LYS D 64 -21.03 -21.63 -15.48
N GLY D 65 -20.84 -20.79 -16.49
CA GLY D 65 -21.39 -21.09 -17.82
C GLY D 65 -22.84 -20.73 -18.02
N ARG D 66 -23.71 -21.16 -17.10
CA ARG D 66 -25.13 -20.87 -17.21
C ARG D 66 -25.47 -19.43 -16.83
N PHE D 67 -24.61 -18.77 -16.07
CA PHE D 67 -24.86 -17.42 -15.58
C PHE D 67 -23.87 -16.43 -16.21
N THR D 68 -24.39 -15.29 -16.64
CA THR D 68 -23.58 -14.23 -17.22
C THR D 68 -23.97 -12.91 -16.60
N ILE D 69 -22.99 -12.11 -16.21
CA ILE D 69 -23.21 -10.83 -15.56
C ILE D 69 -22.68 -9.73 -16.46
N SER D 70 -23.47 -8.65 -16.58
CA SER D 70 -23.09 -7.51 -17.41
C SER D 70 -23.73 -6.26 -16.85
N ARG D 71 -23.16 -5.11 -17.20
CA ARG D 71 -23.63 -3.82 -16.73
C ARG D 71 -24.01 -2.94 -17.91
N ASP D 72 -24.91 -2.00 -17.65
CA ASP D 72 -25.36 -1.02 -18.64
C ASP D 72 -25.10 0.37 -18.07
N ASN D 73 -24.00 0.99 -18.49
CA ASN D 73 -23.64 2.32 -17.99
C ASN D 73 -24.56 3.42 -18.51
N SER D 74 -25.36 3.15 -19.54
CA SER D 74 -26.25 4.18 -20.07
C SER D 74 -27.30 4.59 -19.05
N LYS D 75 -27.87 3.62 -18.33
CA LYS D 75 -28.92 3.89 -17.34
C LYS D 75 -28.54 3.42 -15.94
N ASN D 76 -27.28 3.04 -15.72
CA ASN D 76 -26.81 2.58 -14.41
C ASN D 76 -27.65 1.40 -13.90
N THR D 77 -27.62 0.32 -14.67
CA THR D 77 -28.32 -0.90 -14.31
C THR D 77 -27.38 -2.09 -14.44
N LEU D 78 -27.54 -3.06 -13.54
CA LEU D 78 -26.74 -4.29 -13.56
C LEU D 78 -27.65 -5.45 -13.96
N PHE D 79 -27.16 -6.28 -14.88
CA PHE D 79 -27.94 -7.38 -15.43
C PHE D 79 -27.27 -8.71 -15.14
N LEU D 80 -28.08 -9.74 -14.95
CA LEU D 80 -27.62 -11.12 -14.74
C LEU D 80 -28.44 -12.03 -15.63
N GLN D 81 -27.85 -12.44 -16.76
CA GLN D 81 -28.52 -13.30 -17.72
C GLN D 81 -28.28 -14.76 -17.34
N MET D 82 -29.32 -15.43 -16.85
CA MET D 82 -29.24 -16.83 -16.45
C MET D 82 -29.67 -17.68 -17.65
N ASN D 83 -28.69 -18.21 -18.38
CA ASN D 83 -28.98 -18.94 -19.61
C ASN D 83 -29.74 -20.23 -19.33
N SER D 84 -29.24 -21.04 -18.41
CA SER D 84 -29.85 -22.33 -18.07
C SER D 84 -30.22 -22.34 -16.60
N LEU D 85 -31.43 -22.79 -16.29
CA LEU D 85 -31.94 -22.81 -14.93
C LEU D 85 -32.30 -24.22 -14.53
N ARG D 86 -31.88 -24.62 -13.33
CA ARG D 86 -32.21 -25.91 -12.75
C ARG D 86 -33.04 -25.70 -11.49
N ALA D 87 -33.38 -26.82 -10.84
CA ALA D 87 -34.19 -26.74 -9.62
C ALA D 87 -33.45 -26.04 -8.49
N GLU D 88 -32.12 -26.17 -8.44
CA GLU D 88 -31.36 -25.56 -7.36
C GLU D 88 -31.35 -24.04 -7.45
N ASP D 89 -31.51 -23.48 -8.65
CA ASP D 89 -31.40 -22.04 -8.83
C ASP D 89 -32.53 -21.26 -8.18
N THR D 90 -33.61 -21.93 -7.75
CA THR D 90 -34.68 -21.25 -7.05
C THR D 90 -34.17 -20.64 -5.76
N ALA D 91 -34.12 -19.32 -5.69
CA ALA D 91 -33.53 -18.63 -4.54
C ALA D 91 -33.95 -17.17 -4.59
N MET D 92 -33.41 -16.39 -3.66
CA MET D 92 -33.61 -14.94 -3.60
C MET D 92 -32.29 -14.27 -3.98
N TYR D 93 -32.34 -13.41 -4.99
CA TYR D 93 -31.14 -12.81 -5.56
C TYR D 93 -31.01 -11.37 -5.11
N TYR D 94 -29.83 -11.01 -4.61
CA TYR D 94 -29.52 -9.65 -4.19
C TYR D 94 -28.32 -9.14 -4.98
N CYS D 95 -28.37 -7.89 -5.42
CA CYS D 95 -27.21 -7.22 -5.99
C CYS D 95 -26.67 -6.26 -4.93
N ALA D 96 -25.38 -6.39 -4.63
CA ALA D 96 -24.77 -5.67 -3.52
C ALA D 96 -23.55 -4.90 -4.00
N ARG D 97 -23.36 -3.71 -3.43
CA ARG D 97 -22.19 -2.88 -3.70
C ARG D 97 -21.06 -3.31 -2.78
N ASP D 98 -19.93 -3.72 -3.36
CA ASP D 98 -18.78 -4.19 -2.60
C ASP D 98 -17.75 -3.07 -2.53
N ARG D 99 -17.40 -2.67 -1.31
CA ARG D 99 -16.33 -1.68 -1.15
C ARG D 99 -15.01 -2.23 -1.68
N GLY D 100 -14.69 -3.48 -1.37
CA GLY D 100 -13.56 -4.16 -1.94
C GLY D 100 -14.03 -5.17 -2.97
N PRO D 101 -13.28 -6.26 -3.13
CA PRO D 101 -13.76 -7.33 -4.02
C PRO D 101 -15.07 -7.95 -3.56
N TRP D 102 -15.15 -8.40 -2.30
CA TRP D 102 -16.31 -9.11 -1.79
C TRP D 102 -16.70 -8.56 -0.41
N LEU D 103 -16.77 -7.24 -0.29
CA LEU D 103 -17.12 -6.64 1.00
C LEU D 103 -18.61 -6.43 1.18
N HIS D 104 -19.35 -6.14 0.12
CA HIS D 104 -20.82 -6.06 0.15
C HIS D 104 -21.31 -5.10 1.24
N ASP D 105 -20.83 -3.86 1.18
CA ASP D 105 -21.23 -2.86 2.17
C ASP D 105 -22.71 -2.54 2.08
N TYR D 106 -23.22 -2.31 0.86
CA TYR D 106 -24.61 -1.99 0.63
C TYR D 106 -25.28 -3.10 -0.17
N TRP D 107 -26.50 -3.45 0.22
CA TRP D 107 -27.24 -4.55 -0.40
C TRP D 107 -28.51 -4.02 -1.05
N GLY D 108 -28.92 -4.70 -2.12
CA GLY D 108 -30.14 -4.35 -2.82
C GLY D 108 -31.37 -4.91 -2.14
N GLN D 109 -32.54 -4.54 -2.68
CA GLN D 109 -33.80 -4.98 -2.11
C GLN D 109 -33.98 -6.48 -2.24
N GLY D 110 -33.69 -7.02 -3.42
CA GLY D 110 -33.76 -8.45 -3.62
C GLY D 110 -34.92 -8.84 -4.53
N THR D 111 -34.70 -9.90 -5.31
CA THR D 111 -35.71 -10.44 -6.21
C THR D 111 -35.79 -11.95 -6.03
N LEU D 112 -36.99 -12.50 -6.22
CA LEU D 112 -37.25 -13.92 -6.02
C LEU D 112 -37.36 -14.62 -7.37
N VAL D 113 -36.61 -15.70 -7.53
CA VAL D 113 -36.60 -16.49 -8.76
C VAL D 113 -37.01 -17.91 -8.41
N THR D 114 -37.98 -18.45 -9.14
CA THR D 114 -38.47 -19.80 -8.95
C THR D 114 -38.38 -20.57 -10.26
N VAL D 115 -37.84 -21.78 -10.20
CA VAL D 115 -37.68 -22.61 -11.39
C VAL D 115 -38.50 -23.89 -11.25
N ASP E 1 -12.07 -25.28 -0.83
CA ASP E 1 -12.80 -24.11 -0.32
C ASP E 1 -12.72 -24.04 1.19
N ILE E 2 -12.57 -22.82 1.72
CA ILE E 2 -12.52 -22.62 3.16
C ILE E 2 -13.89 -22.90 3.75
N VAL E 3 -13.94 -23.71 4.81
CA VAL E 3 -15.17 -24.05 5.49
C VAL E 3 -15.28 -23.16 6.72
N MET E 4 -16.31 -22.32 6.75
CA MET E 4 -16.51 -21.36 7.83
C MET E 4 -17.48 -21.96 8.85
N THR E 5 -16.94 -22.85 9.69
CA THR E 5 -17.74 -23.43 10.76
C THR E 5 -18.15 -22.36 11.76
N GLN E 6 -19.44 -22.28 12.03
CA GLN E 6 -20.00 -21.25 12.90
C GLN E 6 -20.82 -21.90 13.99
N SER E 7 -20.57 -21.51 15.24
CA SER E 7 -21.28 -22.05 16.39
C SER E 7 -21.17 -21.08 17.54
N PRO E 8 -22.16 -21.01 18.44
CA PRO E 8 -23.41 -21.77 18.42
C PRO E 8 -24.42 -21.22 17.42
N SER E 9 -25.46 -22.00 17.13
CA SER E 9 -26.53 -21.60 16.23
C SER E 9 -27.85 -21.55 16.98
N SER E 10 -28.74 -20.67 16.53
CA SER E 10 -30.04 -20.46 17.16
C SER E 10 -29.90 -20.11 18.64
N LEU E 11 -28.90 -19.29 18.96
CA LEU E 11 -28.65 -18.90 20.34
C LEU E 11 -29.72 -17.94 20.82
N SER E 12 -30.22 -18.18 22.03
CA SER E 12 -31.22 -17.31 22.65
C SER E 12 -30.74 -16.87 24.02
N ALA E 13 -30.94 -15.59 24.33
CA ALA E 13 -30.48 -15.04 25.59
C ALA E 13 -31.42 -13.90 26.01
N SER E 14 -31.35 -13.56 27.30
CA SER E 14 -32.17 -12.50 27.85
C SER E 14 -31.59 -11.14 27.48
N VAL E 15 -32.38 -10.09 27.76
CA VAL E 15 -31.97 -8.73 27.43
C VAL E 15 -30.77 -8.34 28.27
N GLY E 16 -29.76 -7.77 27.61
CA GLY E 16 -28.55 -7.31 28.27
C GLY E 16 -27.41 -8.30 28.26
N ASP E 17 -27.70 -9.57 27.97
CA ASP E 17 -26.65 -10.59 27.92
C ASP E 17 -25.73 -10.37 26.73
N ARG E 18 -24.46 -10.73 26.91
CA ARG E 18 -23.47 -10.65 25.84
C ARG E 18 -23.34 -12.01 25.16
N VAL E 19 -23.40 -12.00 23.83
CA VAL E 19 -23.33 -13.22 23.03
C VAL E 19 -22.00 -13.22 22.27
N THR E 20 -21.28 -14.33 22.37
CA THR E 20 -19.96 -14.48 21.74
C THR E 20 -20.06 -15.55 20.66
N ILE E 21 -20.27 -15.12 19.42
CA ILE E 21 -20.33 -16.02 18.28
C ILE E 21 -18.91 -16.40 17.87
N THR E 22 -18.66 -17.70 17.74
CA THR E 22 -17.35 -18.21 17.35
C THR E 22 -17.46 -18.81 15.95
N CYS E 23 -16.68 -18.29 15.02
CA CYS E 23 -16.69 -18.75 13.63
C CYS E 23 -15.26 -19.12 13.23
N GLN E 24 -14.98 -20.40 13.12
CA GLN E 24 -13.66 -20.91 12.83
C GLN E 24 -13.54 -21.29 11.35
N ALA E 25 -12.36 -21.06 10.79
CA ALA E 25 -12.09 -21.37 9.39
C ALA E 25 -11.06 -22.48 9.28
N SER E 26 -11.22 -23.28 8.22
CA SER E 26 -10.29 -24.39 8.00
C SER E 26 -8.90 -23.90 7.64
N GLN E 27 -8.82 -22.81 6.87
CA GLN E 27 -7.54 -22.25 6.45
C GLN E 27 -7.38 -20.85 7.01
N ASP E 28 -6.13 -20.40 7.08
CA ASP E 28 -5.83 -19.06 7.61
C ASP E 28 -6.48 -17.98 6.75
N ILE E 29 -7.49 -17.33 7.31
CA ILE E 29 -8.07 -16.11 6.76
C ILE E 29 -7.63 -14.90 7.57
N ASN E 30 -6.35 -14.54 7.47
CA ASN E 30 -5.61 -13.77 8.47
C ASN E 30 -6.43 -12.72 9.20
N LYS E 31 -7.02 -11.76 8.49
CA LYS E 31 -7.93 -10.81 9.12
C LYS E 31 -9.24 -10.62 8.36
N TYR E 32 -9.47 -11.40 7.32
CA TYR E 32 -10.61 -11.17 6.43
C TYR E 32 -11.80 -11.99 6.94
N CYS E 33 -12.62 -11.35 7.78
CA CYS E 33 -13.81 -12.03 8.32
C CYS E 33 -14.88 -10.96 8.55
N ASN E 34 -15.77 -10.82 7.56
CA ASN E 34 -16.88 -9.90 7.68
C ASN E 34 -18.02 -10.53 8.47
N TRP E 35 -18.81 -9.67 9.12
CA TRP E 35 -20.02 -10.09 9.83
C TRP E 35 -21.20 -9.33 9.25
N TYR E 36 -22.24 -10.06 8.85
CA TYR E 36 -23.44 -9.49 8.26
C TYR E 36 -24.64 -9.80 9.15
N GLN E 37 -25.60 -8.89 9.16
CA GLN E 37 -26.83 -9.05 9.93
C GLN E 37 -28.02 -9.01 8.97
N GLN E 38 -28.83 -10.06 9.00
CA GLN E 38 -29.98 -10.20 8.12
C GLN E 38 -31.25 -10.19 8.96
N LYS E 39 -32.02 -9.10 8.86
CA LYS E 39 -33.33 -9.07 9.47
C LYS E 39 -34.26 -10.01 8.73
N PRO E 40 -35.29 -10.54 9.41
CA PRO E 40 -36.23 -11.45 8.73
C PRO E 40 -36.91 -10.77 7.55
N GLY E 41 -36.91 -11.46 6.41
CA GLY E 41 -37.53 -10.94 5.21
C GLY E 41 -36.89 -9.69 4.66
N LYS E 42 -35.58 -9.56 4.77
CA LYS E 42 -34.86 -8.40 4.25
C LYS E 42 -33.43 -8.79 3.92
N ALA E 43 -32.77 -7.95 3.15
CA ALA E 43 -31.40 -8.23 2.74
C ALA E 43 -30.45 -8.02 3.93
N PRO E 44 -29.40 -8.84 4.03
CA PRO E 44 -28.43 -8.64 5.11
C PRO E 44 -27.68 -7.33 4.95
N LYS E 45 -27.23 -6.79 6.08
CA LYS E 45 -26.40 -5.59 6.10
C LYS E 45 -25.13 -5.87 6.88
N LEU E 46 -24.02 -5.30 6.41
CA LEU E 46 -22.73 -5.54 7.05
C LEU E 46 -22.64 -4.79 8.37
N LEU E 47 -22.05 -5.44 9.37
CA LEU E 47 -21.80 -4.83 10.68
C LEU E 47 -20.33 -4.64 10.97
N ILE E 48 -19.54 -5.71 10.87
CA ILE E 48 -18.11 -5.68 11.16
C ILE E 48 -17.36 -6.14 9.93
N TYR E 49 -16.34 -5.37 9.54
CA TYR E 49 -15.46 -5.73 8.44
C TYR E 49 -14.02 -5.79 8.93
N ASP E 50 -13.27 -6.75 8.40
CA ASP E 50 -11.93 -7.10 8.85
C ASP E 50 -11.93 -7.61 10.28
N ALA E 51 -13.09 -8.05 10.75
CA ALA E 51 -13.27 -8.70 12.06
C ALA E 51 -12.78 -7.84 13.23
N SER E 52 -12.46 -6.57 12.97
CA SER E 52 -12.26 -5.65 14.07
C SER E 52 -13.00 -4.34 13.84
N ASN E 53 -12.97 -3.85 12.60
CA ASN E 53 -13.53 -2.55 12.27
C ASN E 53 -15.05 -2.58 12.31
N LEU E 54 -15.65 -1.52 12.85
CA LEU E 54 -17.09 -1.38 12.96
C LEU E 54 -17.61 -0.49 11.84
N GLU E 55 -18.58 -1.00 11.07
CA GLU E 55 -19.15 -0.22 9.98
C GLU E 55 -19.82 1.04 10.50
N THR E 56 -19.69 2.13 9.75
CA THR E 56 -20.30 3.39 10.14
C THR E 56 -21.81 3.24 10.29
N GLY E 57 -22.36 3.90 11.30
CA GLY E 57 -23.78 3.81 11.61
C GLY E 57 -24.14 2.73 12.61
N VAL E 58 -23.43 1.60 12.56
CA VAL E 58 -23.67 0.47 13.45
C VAL E 58 -23.45 0.91 14.90
N PRO E 59 -24.34 0.54 15.82
CA PRO E 59 -24.15 0.91 17.23
C PRO E 59 -22.88 0.29 17.80
N SER E 60 -22.32 0.98 18.80
CA SER E 60 -21.09 0.54 19.43
C SER E 60 -21.24 -0.77 20.21
N ARG E 61 -22.46 -1.22 20.44
CA ARG E 61 -22.66 -2.48 21.17
C ARG E 61 -22.03 -3.65 20.43
N PHE E 62 -22.20 -3.71 19.12
CA PHE E 62 -21.57 -4.77 18.33
C PHE E 62 -20.06 -4.59 18.32
N SER E 63 -19.35 -5.69 18.47
CA SER E 63 -17.89 -5.67 18.47
C SER E 63 -17.36 -7.02 18.02
N GLY E 64 -16.29 -7.00 17.23
CA GLY E 64 -15.67 -8.22 16.76
C GLY E 64 -14.19 -8.20 17.05
N SER E 65 -13.62 -9.40 17.18
CA SER E 65 -12.20 -9.55 17.50
C SER E 65 -11.75 -10.92 17.04
N GLY E 66 -10.45 -11.09 16.98
CA GLY E 66 -9.86 -12.35 16.58
C GLY E 66 -9.12 -12.24 15.26
N SER E 67 -8.12 -13.12 15.09
CA SER E 67 -7.33 -13.14 13.87
C SER E 67 -6.78 -14.56 13.68
N GLY E 68 -6.34 -14.83 12.47
CA GLY E 68 -5.81 -16.15 12.13
C GLY E 68 -6.91 -17.09 11.63
N THR E 69 -7.30 -18.05 12.47
CA THR E 69 -8.32 -19.01 12.11
C THR E 69 -9.59 -18.90 12.94
N ASP E 70 -9.49 -18.49 14.20
CA ASP E 70 -10.65 -18.38 15.09
C ASP E 70 -11.00 -16.91 15.28
N PHE E 71 -12.28 -16.60 15.20
CA PHE E 71 -12.78 -15.23 15.29
C PHE E 71 -13.98 -15.18 16.23
N THR E 72 -14.21 -14.02 16.82
CA THR E 72 -15.33 -13.91 17.80
C THR E 72 -16.15 -12.65 17.52
N PHE E 73 -17.48 -12.75 17.67
CA PHE E 73 -18.37 -11.58 17.48
C PHE E 73 -19.18 -11.38 18.76
N THR E 74 -19.24 -10.14 19.27
CA THR E 74 -19.96 -9.86 20.54
C THR E 74 -20.93 -8.69 20.33
N ILE E 75 -22.22 -8.90 20.61
CA ILE E 75 -23.21 -7.80 20.52
C ILE E 75 -23.18 -7.00 21.82
N ASN E 76 -22.43 -7.50 22.82
CA ASN E 76 -22.38 -6.81 24.14
C ASN E 76 -23.81 -6.67 24.67
N SER E 77 -24.29 -5.43 24.81
CA SER E 77 -25.69 -5.20 25.26
C SER E 77 -26.65 -5.91 24.29
N LEU E 78 -27.64 -6.63 24.83
CA LEU E 78 -28.59 -7.38 23.97
C LEU E 78 -29.84 -6.53 23.71
N GLN E 79 -29.77 -5.64 22.72
CA GLN E 79 -30.92 -4.80 22.38
C GLN E 79 -32.01 -5.67 21.77
N PRO E 80 -33.29 -5.41 22.09
CA PRO E 80 -34.38 -6.18 21.46
C PRO E 80 -34.36 -6.13 19.95
N GLU E 81 -33.85 -5.05 19.36
CA GLU E 81 -33.77 -4.94 17.91
C GLU E 81 -32.76 -5.90 17.30
N ASP E 82 -31.85 -6.45 18.11
CA ASP E 82 -30.75 -7.25 17.59
C ASP E 82 -31.19 -8.61 17.05
N ILE E 83 -32.45 -9.01 17.25
CA ILE E 83 -32.91 -10.32 16.80
C ILE E 83 -32.82 -10.40 15.29
N ALA E 84 -31.92 -11.23 14.79
CA ALA E 84 -31.66 -11.38 13.36
C ALA E 84 -30.76 -12.60 13.19
N THR E 85 -30.28 -12.81 11.97
CA THR E 85 -29.36 -13.90 11.65
C THR E 85 -28.00 -13.30 11.26
N TYR E 86 -26.94 -13.85 11.82
CA TYR E 86 -25.59 -13.33 11.63
C TYR E 86 -24.74 -14.35 10.90
N TYR E 87 -23.97 -13.87 9.92
CA TYR E 87 -23.12 -14.72 9.10
C TYR E 87 -21.68 -14.21 9.13
N CYS E 88 -20.75 -15.14 8.97
CA CYS E 88 -19.33 -14.81 8.86
C CYS E 88 -18.84 -15.18 7.47
N GLN E 89 -18.15 -14.26 6.82
CA GLN E 89 -17.68 -14.43 5.45
C GLN E 89 -16.17 -14.24 5.40
N GLN E 90 -15.48 -15.14 4.70
CA GLN E 90 -14.02 -14.99 4.55
C GLN E 90 -13.68 -13.88 3.56
N TYR E 91 -14.43 -13.79 2.46
CA TYR E 91 -14.28 -12.77 1.41
C TYR E 91 -12.83 -12.55 0.99
N ASP E 92 -11.96 -13.54 1.20
CA ASP E 92 -10.57 -13.45 0.79
C ASP E 92 -10.21 -14.47 -0.28
N ASN E 93 -10.56 -15.73 -0.08
CA ASN E 93 -10.34 -16.74 -1.11
C ASN E 93 -11.28 -16.50 -2.29
N LEU E 94 -10.88 -17.01 -3.45
CA LEU E 94 -11.65 -16.77 -4.66
C LEU E 94 -13.10 -17.23 -4.56
N PRO E 95 -13.42 -18.41 -4.04
CA PRO E 95 -14.81 -18.73 -3.69
C PRO E 95 -15.16 -18.28 -2.28
N PRO E 96 -15.61 -17.04 -2.08
CA PRO E 96 -15.94 -16.59 -0.73
C PRO E 96 -17.04 -17.46 -0.13
N THR E 97 -16.88 -17.81 1.15
CA THR E 97 -17.76 -18.77 1.81
C THR E 97 -18.37 -18.12 3.04
N PHE E 98 -19.69 -18.27 3.17
CA PHE E 98 -20.41 -17.82 4.35
C PHE E 98 -20.53 -18.95 5.36
N GLY E 99 -20.69 -18.58 6.62
CA GLY E 99 -20.89 -19.55 7.67
C GLY E 99 -22.28 -20.13 7.68
N GLY E 100 -22.52 -21.04 8.62
CA GLY E 100 -23.83 -21.63 8.75
C GLY E 100 -24.89 -20.62 9.16
N GLY E 101 -24.52 -19.67 10.00
CA GLY E 101 -25.44 -18.66 10.47
C GLY E 101 -25.95 -18.96 11.86
N THR E 102 -26.25 -17.90 12.61
CA THR E 102 -26.76 -18.01 13.96
C THR E 102 -28.07 -17.25 14.07
N LYS E 103 -29.10 -17.93 14.58
CA LYS E 103 -30.42 -17.33 14.75
C LYS E 103 -30.51 -16.69 16.13
N VAL E 104 -29.78 -15.58 16.29
CA VAL E 104 -29.74 -14.86 17.55
C VAL E 104 -31.12 -14.32 17.91
C1 NAG F . 22.85 -10.93 -3.72
C2 NAG F . 23.72 -11.33 -4.90
C3 NAG F . 24.00 -12.83 -4.86
C4 NAG F . 24.58 -13.23 -3.52
C5 NAG F . 23.73 -12.70 -2.36
C6 NAG F . 24.39 -12.89 -1.02
C7 NAG F . 21.95 -11.40 -6.63
C8 NAG F . 21.52 -10.88 -7.98
N2 NAG F . 23.12 -10.94 -6.17
O3 NAG F . 24.90 -13.17 -5.91
O4 NAG F . 24.60 -14.65 -3.43
O5 NAG F . 23.49 -11.29 -2.50
O6 NAG F . 25.80 -12.98 -1.14
O7 NAG F . 21.26 -12.19 -6.00
C1 NAG F . 25.94 -15.20 -3.45
C2 NAG F . 26.10 -16.00 -4.74
C3 NAG F . 27.49 -16.60 -4.82
C4 NAG F . 28.55 -15.51 -4.65
C5 NAG F . 28.29 -14.73 -3.37
C6 NAG F . 29.24 -13.57 -3.19
C7 NAG F . 24.31 -17.22 -5.91
C8 NAG F . 24.52 -16.26 -7.04
N2 NAG F . 25.08 -17.04 -4.84
O3 NAG F . 27.67 -17.24 -6.08
O4 NAG F . 29.85 -16.10 -4.58
O5 NAG F . 26.96 -14.19 -3.38
O6 NAG F . 30.52 -14.00 -2.76
O7 NAG F . 23.47 -18.11 -5.96
C1 FUC F . 26.47 -12.02 -0.28
C2 FUC F . 27.43 -11.19 -1.18
C3 FUC F . 27.58 -9.75 -0.67
C4 FUC F . 27.50 -9.68 0.85
C5 FUC F . 26.13 -10.21 1.32
C6 FUC F . 26.17 -10.88 2.68
O2 FUC F . 27.04 -11.21 -2.55
O3 FUC F . 28.85 -9.22 -1.06
O4 FUC F . 28.55 -10.42 1.46
O5 FUC F . 25.55 -11.18 0.40
#